data_1T66
#
_entry.id   1T66
#
_cell.length_a   61.640
_cell.length_b   117.120
_cell.length_c   154.480
_cell.angle_alpha   90.00
_cell.angle_beta   90.00
_cell.angle_gamma   90.00
#
_symmetry.space_group_name_H-M   'P 21 21 21'
#
loop_
_entity.id
_entity.type
_entity.pdbx_description
1 polymer 'immunoglobulin light chain'
2 polymer 'immunoglobulin heavy chain'
3 non-polymer '2-(6-HYDROXY-3-OXO-3H-XANTHEN-9-YL)-BENZOIC ACID'
4 water water
#
loop_
_entity_poly.entity_id
_entity_poly.type
_entity_poly.pdbx_seq_one_letter_code
_entity_poly.pdbx_strand_id
1 'polypeptide(L)'
;DVVMTQTPLSLPVSLGDQASISCRSSQSLVHSNGNTYLHWYLQKPGQSPKLLIYKVSNRFSGVPDRFSGSGSGTDFTLKI
SRVEAEDLGVYFCSQSTHVPWTFGGGTKLEIKRADAAPTVSIFPPSSEQLTSGGASVVCFLNNFYPKDINVKWKIDGSER
QNGVLNSWTDQNSKDSTYSMSSTLTLTKDEYERHNSYTCEATHKTSTSPIVKSFNRNEC
;
L,C
2 'polypeptide(L)'
;EVKLDETGGGLVQPGRPMKLSCVASGFTFSDYWMNWVRQSPEKGLEWVAQIRNKPYNYETYYSDSVKGRFTISRDDSKSS
VYLQMNNLRAEDMGIYYCTSYGYHGAYWGQGTLVTVSAAKTTAPSVYPLAPGTAALKSSMVTLGCLVKGYFPEPVTVTWN
SGSLSSGVHTFPAVLQSALYTLTSSVTVPSSSWPSQTVTCNVAHPASSTKVDKKIVPRNC
;
H,D
#
# COMPACT_ATOMS: atom_id res chain seq x y z
N ASP A 1 20.15 2.16 -31.72
CA ASP A 1 20.62 0.73 -31.62
C ASP A 1 21.71 0.57 -30.57
N VAL A 2 21.56 -0.39 -29.68
CA VAL A 2 22.60 -0.63 -28.68
C VAL A 2 23.76 -1.34 -29.37
N VAL A 3 24.96 -0.89 -29.11
CA VAL A 3 26.13 -1.45 -29.75
C VAL A 3 26.77 -2.50 -28.86
N MET A 4 27.01 -3.67 -29.44
CA MET A 4 27.65 -4.79 -28.73
C MET A 4 29.08 -4.90 -29.27
N THR A 5 30.05 -4.94 -28.37
CA THR A 5 31.44 -4.99 -28.80
C THR A 5 32.01 -6.23 -28.20
N GLN A 6 32.60 -7.07 -29.05
CA GLN A 6 33.19 -8.33 -28.60
C GLN A 6 34.71 -8.37 -28.71
N THR A 7 35.39 -8.72 -27.65
CA THR A 7 36.83 -8.82 -27.75
C THR A 7 37.31 -10.06 -27.04
N PRO A 8 38.34 -10.72 -27.60
CA PRO A 8 39.04 -10.38 -28.85
C PRO A 8 38.31 -10.84 -30.08
N LEU A 9 38.87 -10.60 -31.27
CA LEU A 9 38.28 -11.03 -32.52
C LEU A 9 38.66 -12.46 -32.83
N SER A 10 39.87 -12.81 -32.40
CA SER A 10 40.39 -14.16 -32.61
C SER A 10 41.02 -14.58 -31.31
N LEU A 11 40.84 -15.84 -30.97
CA LEU A 11 41.38 -16.35 -29.76
C LEU A 11 41.96 -17.74 -29.91
N PRO A 12 43.28 -17.83 -30.19
CA PRO A 12 43.96 -19.14 -30.36
C PRO A 12 44.22 -19.69 -28.95
N VAL A 13 44.01 -20.98 -28.76
CA VAL A 13 44.24 -21.63 -27.47
C VAL A 13 44.57 -23.09 -27.67
N SER A 14 45.17 -23.70 -26.66
CA SER A 14 45.53 -25.11 -26.76
C SER A 14 44.52 -25.91 -25.99
N LEU A 15 44.38 -27.17 -26.38
CA LEU A 15 43.47 -28.03 -25.69
C LEU A 15 43.84 -27.97 -24.22
N GLY A 16 42.83 -27.92 -23.34
CA GLY A 16 43.10 -27.85 -21.92
C GLY A 16 43.07 -26.43 -21.40
N ASP A 17 43.55 -25.48 -22.20
CA ASP A 17 43.57 -24.07 -21.83
C ASP A 17 42.22 -23.45 -21.40
N GLN A 18 42.30 -22.35 -20.69
CA GLN A 18 41.12 -21.62 -20.28
C GLN A 18 40.97 -20.51 -21.32
N ALA A 19 39.74 -20.07 -21.59
CA ALA A 19 39.55 -18.99 -22.56
C ALA A 19 38.53 -17.98 -22.03
N SER A 20 38.72 -16.72 -22.38
CA SER A 20 37.83 -15.67 -21.92
C SER A 20 37.33 -14.78 -23.01
N ILE A 21 36.01 -14.62 -23.13
CA ILE A 21 35.53 -13.74 -24.19
C ILE A 21 34.73 -12.70 -23.49
N SER A 22 34.97 -11.47 -23.88
CA SER A 22 34.30 -10.33 -23.28
C SER A 22 33.31 -9.66 -24.23
N CYS A 23 32.23 -9.17 -23.67
CA CYS A 23 31.22 -8.53 -24.49
C CYS A 23 30.71 -7.31 -23.72
N ARG A 24 30.73 -6.17 -24.38
CA ARG A 24 30.28 -4.91 -23.77
C ARG A 24 29.17 -4.26 -24.58
N SER A 25 28.26 -3.60 -23.89
CA SER A 25 27.13 -2.93 -24.52
C SER A 25 27.24 -1.43 -24.30
N SER A 26 26.80 -0.66 -25.28
CA SER A 26 26.83 0.80 -25.22
C SER A 26 25.87 1.29 -24.17
N GLN A 27 24.79 0.56 -23.95
CA GLN A 27 23.80 0.90 -22.93
C GLN A 27 23.55 -0.27 -22.00
N SER A 28 23.01 0.04 -20.84
CA SER A 28 22.70 -0.96 -19.84
C SER A 28 21.72 -1.99 -20.40
N LEU A 29 21.97 -3.26 -20.06
CA LEU A 29 21.10 -4.30 -20.55
C LEU A 29 20.12 -4.76 -19.49
N VAL A 30 20.03 -4.02 -18.37
CA VAL A 30 19.05 -4.38 -17.33
C VAL A 30 17.67 -3.85 -17.70
N HIS A 31 16.74 -4.78 -18.00
CA HIS A 31 15.38 -4.47 -18.44
C HIS A 31 14.54 -3.91 -17.29
N SER A 32 13.56 -3.07 -17.62
CA SER A 32 12.78 -2.52 -16.53
C SER A 32 12.06 -3.62 -15.75
N ASN A 33 11.89 -4.82 -16.34
CA ASN A 33 11.25 -5.88 -15.60
C ASN A 33 12.24 -6.57 -14.70
N GLY A 34 13.50 -6.15 -14.77
CA GLY A 34 14.51 -6.72 -13.90
C GLY A 34 15.35 -7.86 -14.42
N ASN A 35 15.17 -8.25 -15.69
CA ASN A 35 15.99 -9.33 -16.25
C ASN A 35 17.07 -8.66 -17.04
N THR A 36 18.16 -9.36 -17.34
CA THR A 36 19.25 -8.83 -18.15
C THR A 36 19.30 -9.76 -19.39
N TYR A 37 18.73 -9.29 -20.50
CA TYR A 37 18.69 -10.12 -21.69
C TYR A 37 19.96 -10.14 -22.54
N LEU A 38 21.00 -10.77 -21.97
CA LEU A 38 22.29 -10.96 -22.64
C LEU A 38 22.50 -12.48 -22.82
N HIS A 39 22.68 -12.94 -24.06
CA HIS A 39 22.93 -14.37 -24.33
C HIS A 39 24.23 -14.68 -25.14
N TRP A 40 24.75 -15.88 -24.93
CA TRP A 40 25.93 -16.32 -25.65
C TRP A 40 25.63 -17.48 -26.60
N TYR A 41 26.15 -17.39 -27.81
CA TYR A 41 25.93 -18.45 -28.79
C TYR A 41 27.25 -19.01 -29.33
N LEU A 42 27.19 -20.22 -29.85
CA LEU A 42 28.36 -20.77 -30.49
C LEU A 42 27.88 -21.18 -31.87
N GLN A 43 28.57 -20.74 -32.90
CA GLN A 43 28.23 -21.17 -34.25
C GLN A 43 29.41 -22.06 -34.71
N LYS A 44 29.20 -23.36 -34.87
CA LYS A 44 30.30 -24.22 -35.34
C LYS A 44 30.33 -24.11 -36.84
N PRO A 45 31.48 -24.37 -37.45
CA PRO A 45 31.59 -24.27 -38.91
C PRO A 45 30.50 -25.09 -39.56
N GLY A 46 29.80 -24.46 -40.50
CA GLY A 46 28.75 -25.12 -41.27
C GLY A 46 27.37 -25.20 -40.64
N GLN A 47 27.27 -24.96 -39.33
CA GLN A 47 25.99 -25.04 -38.60
C GLN A 47 25.42 -23.69 -38.23
N SER A 48 24.21 -23.70 -37.68
CA SER A 48 23.57 -22.48 -37.24
C SER A 48 23.98 -22.20 -35.80
N PRO A 49 23.75 -20.98 -35.30
CA PRO A 49 24.11 -20.65 -33.92
C PRO A 49 23.35 -21.48 -32.88
N LYS A 50 24.03 -21.89 -31.83
CA LYS A 50 23.40 -22.65 -30.79
C LYS A 50 23.52 -21.87 -29.49
N LEU A 51 22.45 -21.76 -28.70
CA LEU A 51 22.51 -21.03 -27.42
C LEU A 51 23.36 -21.78 -26.40
N LEU A 52 24.26 -21.06 -25.73
CA LEU A 52 25.09 -21.64 -24.69
C LEU A 52 24.63 -21.17 -23.33
N ILE A 53 24.65 -19.85 -23.16
CA ILE A 53 24.28 -19.16 -21.91
C ILE A 53 23.16 -18.18 -22.21
N TYR A 54 22.16 -18.19 -21.34
CA TYR A 54 20.99 -17.38 -21.48
C TYR A 54 20.89 -16.46 -20.27
N LYS A 55 20.55 -15.20 -20.54
CA LYS A 55 20.40 -14.26 -19.45
C LYS A 55 21.61 -14.23 -18.55
N VAL A 56 22.72 -13.83 -19.15
CA VAL A 56 24.00 -13.67 -18.46
C VAL A 56 24.69 -14.95 -17.94
N SER A 57 23.99 -15.73 -17.12
CA SER A 57 24.67 -16.89 -16.59
C SER A 57 23.96 -18.21 -16.53
N ASN A 58 22.85 -18.38 -17.23
CA ASN A 58 22.18 -19.68 -17.13
C ASN A 58 22.65 -20.60 -18.23
N ARG A 59 23.31 -21.68 -17.85
CA ARG A 59 23.81 -22.68 -18.80
C ARG A 59 22.60 -23.36 -19.42
N PHE A 60 22.48 -23.31 -20.74
CA PHE A 60 21.35 -23.94 -21.44
C PHE A 60 21.42 -25.48 -21.37
N SER A 61 20.27 -26.13 -21.54
CA SER A 61 20.15 -27.58 -21.49
C SER A 61 21.12 -28.24 -22.47
N GLY A 62 21.91 -29.19 -21.94
CA GLY A 62 22.87 -29.93 -22.74
C GLY A 62 24.19 -29.25 -22.99
N VAL A 63 24.43 -28.14 -22.30
CA VAL A 63 25.68 -27.42 -22.48
C VAL A 63 26.61 -27.90 -21.35
N PRO A 64 27.89 -28.18 -21.67
CA PRO A 64 28.90 -28.67 -20.72
C PRO A 64 29.14 -27.68 -19.58
N ASP A 65 29.41 -28.23 -18.39
CA ASP A 65 29.67 -27.44 -17.18
C ASP A 65 30.87 -26.53 -17.29
N ARG A 66 31.69 -26.74 -18.32
CA ARG A 66 32.87 -25.91 -18.50
C ARG A 66 32.61 -24.54 -19.09
N PHE A 67 31.36 -24.23 -19.47
CA PHE A 67 31.03 -22.89 -20.00
C PHE A 67 30.36 -22.06 -18.92
N SER A 68 30.85 -20.87 -18.64
CA SER A 68 30.13 -20.07 -17.65
C SER A 68 29.99 -18.62 -18.14
N GLY A 69 28.91 -17.99 -17.69
CA GLY A 69 28.65 -16.62 -18.10
C GLY A 69 28.69 -15.77 -16.87
N SER A 70 29.17 -14.54 -17.05
CA SER A 70 29.30 -13.64 -15.92
C SER A 70 29.18 -12.21 -16.38
N GLY A 71 28.90 -11.32 -15.42
CA GLY A 71 28.83 -9.90 -15.74
C GLY A 71 27.60 -9.23 -15.23
N SER A 72 27.41 -7.98 -15.62
CA SER A 72 26.22 -7.23 -15.23
C SER A 72 26.34 -5.86 -15.83
N GLY A 73 25.21 -5.18 -15.89
CA GLY A 73 25.23 -3.84 -16.42
C GLY A 73 25.53 -3.77 -17.90
N THR A 74 26.81 -3.58 -18.23
CA THR A 74 27.23 -3.48 -19.64
C THR A 74 28.52 -4.25 -19.90
N ASP A 75 29.01 -5.01 -18.91
CA ASP A 75 30.24 -5.80 -19.10
C ASP A 75 29.92 -7.25 -18.78
N PHE A 76 30.12 -8.14 -19.75
CA PHE A 76 29.81 -9.55 -19.53
C PHE A 76 30.94 -10.34 -20.09
N THR A 77 31.18 -11.48 -19.48
CA THR A 77 32.28 -12.25 -19.96
C THR A 77 31.84 -13.70 -20.00
N LEU A 78 32.40 -14.43 -20.95
CA LEU A 78 32.08 -15.83 -21.14
C LEU A 78 33.39 -16.60 -20.93
N LYS A 79 33.35 -17.54 -19.99
CA LYS A 79 34.53 -18.34 -19.69
C LYS A 79 34.35 -19.80 -20.07
N ILE A 80 35.44 -20.37 -20.57
CA ILE A 80 35.46 -21.77 -20.92
C ILE A 80 36.64 -22.35 -20.11
N SER A 81 36.31 -23.16 -19.10
CA SER A 81 37.30 -23.80 -18.21
C SER A 81 38.44 -24.55 -18.86
N ARG A 82 38.11 -25.56 -19.67
CA ARG A 82 39.12 -26.35 -20.37
C ARG A 82 38.64 -26.54 -21.80
N VAL A 83 39.27 -25.86 -22.72
CA VAL A 83 38.90 -25.95 -24.13
C VAL A 83 39.07 -27.36 -24.70
N GLU A 84 38.05 -27.83 -25.42
CA GLU A 84 38.12 -29.12 -26.11
C GLU A 84 38.12 -28.73 -27.59
N ALA A 85 38.48 -29.66 -28.48
CA ALA A 85 38.55 -29.37 -29.90
C ALA A 85 37.19 -29.02 -30.52
N GLU A 86 36.12 -29.56 -29.94
CA GLU A 86 34.78 -29.31 -30.43
C GLU A 86 34.22 -27.93 -30.07
N ASP A 87 34.94 -27.14 -29.28
CA ASP A 87 34.51 -25.77 -28.92
C ASP A 87 34.92 -24.77 -30.00
N LEU A 88 35.59 -25.27 -31.01
CA LEU A 88 36.06 -24.45 -32.08
C LEU A 88 34.87 -23.77 -32.80
N GLY A 89 35.05 -22.53 -33.28
CA GLY A 89 33.98 -21.85 -33.99
C GLY A 89 33.84 -20.42 -33.49
N VAL A 90 32.79 -19.71 -33.93
CA VAL A 90 32.57 -18.34 -33.49
C VAL A 90 31.51 -18.19 -32.37
N TYR A 91 31.87 -17.42 -31.36
CA TYR A 91 31.00 -17.15 -30.22
C TYR A 91 30.43 -15.74 -30.40
N PHE A 92 29.14 -15.57 -30.12
CA PHE A 92 28.50 -14.26 -30.25
C PHE A 92 27.72 -14.00 -28.99
N CYS A 93 27.53 -12.74 -28.66
CA CYS A 93 26.68 -12.38 -27.54
C CYS A 93 25.57 -11.56 -28.20
N SER A 94 24.43 -11.38 -27.52
CA SER A 94 23.37 -10.56 -28.11
C SER A 94 22.64 -9.84 -26.99
N GLN A 95 21.96 -8.75 -27.30
CA GLN A 95 21.15 -8.14 -26.25
C GLN A 95 19.78 -8.14 -26.84
N SER A 96 18.79 -8.43 -26.01
CA SER A 96 17.40 -8.44 -26.43
C SER A 96 16.60 -7.74 -25.37
N THR A 97 17.25 -6.77 -24.74
CA THR A 97 16.59 -5.97 -23.75
C THR A 97 15.93 -4.79 -24.49
N HIS A 98 16.58 -4.38 -25.59
CA HIS A 98 16.13 -3.28 -26.44
C HIS A 98 15.84 -3.69 -27.88
N VAL A 99 14.83 -3.07 -28.46
CA VAL A 99 14.45 -3.30 -29.83
C VAL A 99 15.16 -2.14 -30.53
N PRO A 100 15.96 -2.42 -31.59
CA PRO A 100 16.27 -3.72 -32.18
C PRO A 100 17.22 -4.59 -31.38
N TRP A 101 17.02 -5.89 -31.46
CA TRP A 101 17.90 -6.85 -30.79
C TRP A 101 19.23 -6.71 -31.59
N THR A 102 20.37 -6.83 -30.91
CA THR A 102 21.64 -6.72 -31.63
C THR A 102 22.69 -7.75 -31.19
N PHE A 103 23.61 -8.04 -32.09
CA PHE A 103 24.63 -9.03 -31.85
C PHE A 103 26.06 -8.44 -31.90
N GLY A 104 26.98 -9.03 -31.10
CA GLY A 104 28.39 -8.64 -31.14
C GLY A 104 28.90 -9.13 -32.50
N GLY A 105 30.10 -8.73 -32.91
CA GLY A 105 30.62 -9.14 -34.20
C GLY A 105 31.26 -10.51 -34.21
N GLY A 106 31.25 -11.17 -33.04
CA GLY A 106 31.78 -12.51 -32.87
C GLY A 106 33.25 -12.70 -32.57
N THR A 107 33.59 -13.77 -31.86
CA THR A 107 34.99 -14.04 -31.56
C THR A 107 35.32 -15.44 -32.06
N LYS A 108 36.30 -15.55 -32.96
CA LYS A 108 36.63 -16.87 -33.48
C LYS A 108 37.62 -17.58 -32.54
N LEU A 109 37.26 -18.79 -32.11
CA LEU A 109 38.12 -19.57 -31.22
C LEU A 109 38.95 -20.44 -32.13
N GLU A 110 40.27 -20.34 -32.02
CA GLU A 110 41.15 -21.16 -32.84
C GLU A 110 41.91 -22.07 -31.90
N ILE A 111 42.10 -23.30 -32.35
CA ILE A 111 42.81 -24.26 -31.53
C ILE A 111 44.22 -24.46 -32.02
N LYS A 112 45.17 -24.12 -31.15
CA LYS A 112 46.60 -24.28 -31.45
C LYS A 112 46.96 -25.76 -31.30
N ARG A 113 47.61 -26.31 -32.32
CA ARG A 113 48.01 -27.69 -32.26
C ARG A 113 49.40 -27.78 -32.86
N ALA A 114 49.93 -29.00 -32.88
CA ALA A 114 51.26 -29.24 -33.42
C ALA A 114 51.26 -29.10 -34.93
N ASP A 115 52.31 -28.50 -35.48
CA ASP A 115 52.40 -28.34 -36.93
C ASP A 115 52.19 -29.68 -37.62
N ALA A 116 51.67 -29.60 -38.84
CA ALA A 116 51.42 -30.78 -39.67
C ALA A 116 51.55 -30.28 -41.10
N ALA A 117 52.30 -31.01 -41.93
CA ALA A 117 52.47 -30.57 -43.31
C ALA A 117 51.29 -31.02 -44.18
N PRO A 118 51.06 -30.30 -45.31
CA PRO A 118 49.98 -30.55 -46.27
C PRO A 118 50.14 -31.87 -46.97
N THR A 119 49.03 -32.58 -47.17
CA THR A 119 49.07 -33.82 -47.93
C THR A 119 48.61 -33.29 -49.27
N VAL A 120 49.51 -33.22 -50.24
CA VAL A 120 49.13 -32.68 -51.54
C VAL A 120 48.78 -33.70 -52.63
N SER A 121 47.71 -33.37 -53.37
CA SER A 121 47.22 -34.18 -54.48
C SER A 121 46.92 -33.24 -55.68
N ILE A 122 47.37 -33.63 -56.86
CA ILE A 122 47.13 -32.84 -58.05
C ILE A 122 46.22 -33.68 -58.94
N PHE A 123 45.30 -32.98 -59.58
CA PHE A 123 44.35 -33.61 -60.46
C PHE A 123 44.26 -32.91 -61.80
N PRO A 124 44.58 -33.66 -62.87
CA PRO A 124 44.54 -33.15 -64.24
C PRO A 124 43.07 -33.28 -64.65
N PRO A 125 42.65 -32.53 -65.69
CA PRO A 125 41.29 -32.55 -66.20
C PRO A 125 40.85 -33.95 -66.55
N SER A 126 39.57 -34.22 -66.32
CA SER A 126 38.97 -35.50 -66.68
C SER A 126 38.63 -35.37 -68.15
N SER A 127 38.49 -36.52 -68.82
CA SER A 127 38.14 -36.52 -70.23
C SER A 127 36.84 -35.74 -70.44
N GLU A 128 35.89 -35.91 -69.53
CA GLU A 128 34.60 -35.24 -69.62
C GLU A 128 34.68 -33.72 -69.64
N GLN A 129 35.57 -33.13 -68.84
CA GLN A 129 35.64 -31.67 -68.86
C GLN A 129 36.26 -31.26 -70.19
N LEU A 130 37.32 -31.97 -70.59
CA LEU A 130 37.97 -31.68 -71.88
C LEU A 130 36.97 -31.73 -73.06
N THR A 131 36.03 -32.68 -73.05
CA THR A 131 35.03 -32.74 -74.12
C THR A 131 34.16 -31.48 -74.20
N SER A 132 33.86 -30.87 -73.07
CA SER A 132 33.06 -29.64 -73.10
C SER A 132 33.96 -28.52 -73.59
N GLY A 133 35.26 -28.80 -73.68
CA GLY A 133 36.22 -27.81 -74.12
C GLY A 133 36.75 -26.99 -72.94
N GLY A 134 36.72 -27.58 -71.74
CA GLY A 134 37.22 -26.85 -70.59
C GLY A 134 38.31 -27.67 -69.95
N ALA A 135 39.23 -27.02 -69.24
CA ALA A 135 40.34 -27.75 -68.60
C ALA A 135 40.64 -27.23 -67.21
N SER A 136 40.04 -27.82 -66.20
CA SER A 136 40.34 -27.33 -64.85
C SER A 136 41.38 -28.20 -64.15
N VAL A 137 42.40 -27.54 -63.60
CA VAL A 137 43.44 -28.26 -62.90
C VAL A 137 43.24 -28.00 -61.42
N VAL A 138 42.97 -29.08 -60.70
CA VAL A 138 42.73 -29.04 -59.26
C VAL A 138 43.87 -29.59 -58.41
N CYS A 139 44.14 -28.90 -57.30
CA CYS A 139 45.17 -29.32 -56.36
C CYS A 139 44.66 -29.18 -54.93
N PHE A 140 44.67 -30.29 -54.18
CA PHE A 140 44.25 -30.30 -52.76
C PHE A 140 45.47 -30.23 -51.78
N LEU A 141 45.34 -29.42 -50.75
CA LEU A 141 46.38 -29.28 -49.73
C LEU A 141 45.58 -29.54 -48.44
N ASN A 142 45.57 -30.82 -48.06
CA ASN A 142 44.79 -31.27 -46.93
C ASN A 142 45.44 -31.40 -45.54
N ASN A 143 44.64 -31.11 -44.51
CA ASN A 143 45.05 -31.28 -43.14
C ASN A 143 46.41 -30.71 -42.69
N PHE A 144 46.62 -29.42 -42.82
CA PHE A 144 47.87 -28.84 -42.40
C PHE A 144 47.64 -27.91 -41.23
N TYR A 145 48.72 -27.39 -40.68
CA TYR A 145 48.61 -26.46 -39.61
C TYR A 145 49.97 -25.78 -39.38
N PRO A 146 49.98 -24.45 -39.15
CA PRO A 146 48.88 -23.47 -39.08
C PRO A 146 48.23 -23.16 -40.42
N LYS A 147 47.13 -22.41 -40.36
CA LYS A 147 46.35 -22.03 -41.54
C LYS A 147 47.14 -21.35 -42.62
N ASP A 148 48.11 -20.56 -42.20
CA ASP A 148 48.93 -19.77 -43.11
C ASP A 148 49.75 -20.64 -44.08
N ILE A 149 49.37 -20.62 -45.34
CA ILE A 149 50.09 -21.41 -46.32
C ILE A 149 50.05 -20.61 -47.60
N ASN A 150 50.91 -20.98 -48.55
CA ASN A 150 51.01 -20.31 -49.83
C ASN A 150 51.12 -21.37 -50.94
N VAL A 151 50.35 -21.17 -52.01
CA VAL A 151 50.35 -22.07 -53.15
C VAL A 151 50.65 -21.18 -54.33
N LYS A 152 51.30 -21.79 -55.29
CA LYS A 152 51.73 -21.12 -56.50
C LYS A 152 51.56 -22.19 -57.57
N TRP A 153 51.22 -21.76 -58.77
CA TRP A 153 51.11 -22.71 -59.86
C TRP A 153 52.17 -22.28 -60.87
N LYS A 154 52.83 -23.28 -61.45
CA LYS A 154 53.83 -23.03 -62.45
C LYS A 154 53.41 -23.87 -63.65
N ILE A 155 53.40 -23.21 -64.80
CA ILE A 155 53.09 -23.86 -66.05
C ILE A 155 54.40 -23.75 -66.82
N ASP A 156 54.92 -24.90 -67.25
CA ASP A 156 56.18 -24.93 -67.96
C ASP A 156 57.17 -24.05 -67.23
N GLY A 157 57.49 -24.45 -66.01
CA GLY A 157 58.42 -23.68 -65.20
C GLY A 157 58.01 -22.24 -64.91
N SER A 158 57.14 -21.66 -65.73
CA SER A 158 56.74 -20.26 -65.51
C SER A 158 55.61 -20.16 -64.47
N GLU A 159 55.49 -18.97 -63.86
CA GLU A 159 54.46 -18.71 -62.85
C GLU A 159 53.16 -18.19 -63.44
N ARG A 160 52.07 -18.93 -63.25
CA ARG A 160 50.77 -18.53 -63.75
C ARG A 160 50.12 -17.54 -62.78
N GLN A 161 49.65 -16.43 -63.31
CA GLN A 161 49.03 -15.41 -62.50
C GLN A 161 47.61 -15.04 -62.92
N ASN A 162 46.93 -15.99 -63.57
CA ASN A 162 45.55 -15.79 -64.03
C ASN A 162 44.76 -17.10 -64.17
N GLY A 163 43.55 -17.12 -63.60
CA GLY A 163 42.72 -18.30 -63.69
C GLY A 163 42.80 -19.27 -62.52
N VAL A 164 43.22 -18.77 -61.37
CA VAL A 164 43.32 -19.62 -60.19
C VAL A 164 42.33 -19.22 -59.10
N LEU A 165 41.59 -20.22 -58.65
CA LEU A 165 40.61 -20.06 -57.62
C LEU A 165 41.07 -20.86 -56.41
N ASN A 166 41.11 -20.18 -55.28
CA ASN A 166 41.51 -20.81 -54.03
C ASN A 166 40.39 -20.81 -53.02
N SER A 167 40.28 -21.90 -52.27
CA SER A 167 39.22 -21.97 -51.27
C SER A 167 39.76 -22.66 -50.02
N TRP A 168 39.52 -22.09 -48.85
CA TRP A 168 40.00 -22.66 -47.61
C TRP A 168 38.86 -23.22 -46.77
N THR A 169 39.06 -24.37 -46.13
CA THR A 169 38.00 -24.86 -45.27
C THR A 169 38.18 -24.12 -43.97
N ASP A 170 37.21 -24.28 -43.07
CA ASP A 170 37.36 -23.71 -41.74
C ASP A 170 38.22 -24.77 -41.00
N GLN A 171 38.68 -24.46 -39.79
CA GLN A 171 39.48 -25.40 -39.04
C GLN A 171 38.62 -26.63 -38.67
N ASN A 172 39.18 -27.82 -38.82
CA ASN A 172 38.47 -29.08 -38.55
C ASN A 172 38.15 -29.30 -37.07
N SER A 173 36.89 -29.66 -36.81
CA SER A 173 36.38 -29.90 -35.47
C SER A 173 36.99 -31.12 -34.83
N LYS A 174 37.37 -32.10 -35.62
CA LYS A 174 37.93 -33.31 -35.07
C LYS A 174 39.41 -33.19 -34.80
N ASP A 175 40.20 -32.89 -35.82
CA ASP A 175 41.65 -32.80 -35.64
C ASP A 175 42.30 -31.43 -35.71
N SER A 176 41.50 -30.37 -35.73
CA SER A 176 42.04 -29.00 -35.74
C SER A 176 42.98 -28.57 -36.89
N THR A 177 42.97 -29.24 -38.04
CA THR A 177 43.79 -28.85 -39.17
C THR A 177 42.98 -28.00 -40.16
N TYR A 178 43.63 -27.59 -41.25
CA TYR A 178 43.00 -26.80 -42.28
C TYR A 178 43.28 -27.50 -43.56
N SER A 179 42.44 -27.24 -44.56
CA SER A 179 42.63 -27.80 -45.89
C SER A 179 42.45 -26.63 -46.86
N MET A 180 42.79 -26.85 -48.12
CA MET A 180 42.69 -25.78 -49.08
C MET A 180 42.62 -26.39 -50.43
N SER A 181 41.85 -25.78 -51.31
CA SER A 181 41.74 -26.25 -52.67
C SER A 181 42.16 -25.11 -53.58
N SER A 182 42.89 -25.47 -54.63
CA SER A 182 43.37 -24.50 -55.59
C SER A 182 43.06 -25.02 -56.99
N THR A 183 42.28 -24.24 -57.73
CA THR A 183 41.93 -24.64 -59.06
C THR A 183 42.42 -23.65 -60.10
N LEU A 184 43.03 -24.22 -61.12
CA LEU A 184 43.54 -23.45 -62.23
C LEU A 184 42.58 -23.79 -63.36
N THR A 185 41.77 -22.79 -63.73
CA THR A 185 40.78 -23.01 -64.79
C THR A 185 41.22 -22.43 -66.12
N LEU A 186 41.50 -23.31 -67.07
CA LEU A 186 41.93 -22.87 -68.41
C LEU A 186 40.95 -23.39 -69.43
N THR A 187 40.91 -22.76 -70.59
CA THR A 187 40.04 -23.26 -71.65
C THR A 187 40.85 -24.43 -72.15
N LYS A 188 40.26 -25.31 -72.94
CA LYS A 188 41.03 -26.44 -73.42
C LYS A 188 42.08 -25.96 -74.44
N ASP A 189 41.79 -24.86 -75.15
CA ASP A 189 42.80 -24.36 -76.10
C ASP A 189 44.03 -23.96 -75.27
N GLU A 190 43.77 -23.26 -74.17
CA GLU A 190 44.79 -22.79 -73.25
C GLU A 190 45.60 -23.92 -72.65
N TYR A 191 44.90 -25.00 -72.29
CA TYR A 191 45.51 -26.17 -71.67
C TYR A 191 46.44 -26.94 -72.58
N GLU A 192 46.24 -26.82 -73.89
CA GLU A 192 47.09 -27.60 -74.78
C GLU A 192 48.26 -26.81 -75.32
N ARG A 193 48.37 -25.56 -74.86
CA ARG A 193 49.45 -24.67 -75.26
C ARG A 193 50.66 -24.90 -74.34
N HIS A 194 50.55 -25.83 -73.39
CA HIS A 194 51.63 -26.13 -72.45
C HIS A 194 51.76 -27.63 -72.09
N ASN A 195 52.77 -27.96 -71.27
CA ASN A 195 53.00 -29.36 -70.88
C ASN A 195 53.16 -29.65 -69.38
N SER A 196 53.84 -28.77 -68.68
CA SER A 196 54.05 -28.99 -67.28
C SER A 196 53.13 -28.15 -66.39
N TYR A 197 52.44 -28.83 -65.48
CA TYR A 197 51.55 -28.19 -64.54
C TYR A 197 52.02 -28.54 -63.13
N THR A 198 52.40 -27.51 -62.38
CA THR A 198 52.93 -27.71 -61.05
C THR A 198 52.23 -26.95 -59.94
N CYS A 199 51.90 -27.72 -58.91
CA CYS A 199 51.27 -27.19 -57.73
C CYS A 199 52.42 -27.15 -56.70
N GLU A 200 52.72 -25.95 -56.22
CA GLU A 200 53.84 -25.74 -55.30
C GLU A 200 53.37 -25.04 -54.03
N ALA A 201 53.66 -25.65 -52.90
CA ALA A 201 53.24 -25.12 -51.61
C ALA A 201 54.40 -24.78 -50.68
N THR A 202 54.19 -23.74 -49.86
CA THR A 202 55.15 -23.23 -48.91
C THR A 202 54.54 -23.21 -47.51
N HIS A 203 54.90 -24.19 -46.70
CA HIS A 203 54.36 -24.27 -45.34
C HIS A 203 55.56 -24.36 -44.43
N LYS A 204 55.55 -23.56 -43.36
CA LYS A 204 56.66 -23.55 -42.41
C LYS A 204 57.08 -24.92 -41.83
N THR A 205 56.53 -26.02 -42.35
CA THR A 205 56.92 -27.33 -41.85
C THR A 205 58.09 -27.87 -42.67
N SER A 206 58.32 -27.25 -43.81
CA SER A 206 59.40 -27.67 -44.69
C SER A 206 60.10 -26.43 -45.22
N THR A 207 61.43 -26.52 -45.29
CA THR A 207 62.26 -25.42 -45.78
C THR A 207 62.17 -25.37 -47.31
N SER A 208 62.01 -26.55 -47.92
CA SER A 208 61.90 -26.65 -49.35
C SER A 208 60.41 -26.79 -49.69
N PRO A 209 59.99 -26.26 -50.83
CA PRO A 209 58.57 -26.37 -51.21
C PRO A 209 58.13 -27.81 -51.44
N ILE A 210 56.83 -28.03 -51.26
CA ILE A 210 56.23 -29.34 -51.49
C ILE A 210 55.70 -29.19 -52.91
N VAL A 211 56.21 -30.02 -53.79
CA VAL A 211 55.86 -29.96 -55.21
C VAL A 211 55.15 -31.19 -55.72
N LYS A 212 54.08 -30.95 -56.47
CA LYS A 212 53.30 -32.01 -57.10
C LYS A 212 53.08 -31.53 -58.52
N SER A 213 53.34 -32.43 -59.48
CA SER A 213 53.23 -32.11 -60.89
C SER A 213 52.78 -33.25 -61.76
N PHE A 214 52.54 -32.91 -63.01
CA PHE A 214 52.17 -33.87 -64.04
C PHE A 214 52.33 -33.14 -65.37
N ASN A 215 52.69 -33.92 -66.39
CA ASN A 215 52.87 -33.40 -67.74
C ASN A 215 51.72 -33.91 -68.57
N ARG A 216 51.20 -33.06 -69.45
CA ARG A 216 50.08 -33.42 -70.32
C ARG A 216 50.32 -34.66 -71.18
N ASN A 217 51.40 -34.65 -71.95
CA ASN A 217 51.76 -35.74 -72.84
C ASN A 217 52.22 -36.99 -72.05
N GLU A 218 52.98 -36.74 -70.98
CA GLU A 218 53.50 -37.78 -70.06
C GLU A 218 52.32 -38.60 -69.50
N CYS A 219 51.18 -37.92 -69.34
CA CYS A 219 49.91 -38.47 -68.86
C CYS A 219 49.80 -40.01 -68.83
N GLU B 1 13.43 -33.49 -28.93
CA GLU B 1 13.96 -32.93 -30.21
C GLU B 1 13.14 -31.77 -30.79
N VAL B 2 13.66 -30.56 -30.63
CA VAL B 2 12.95 -29.42 -31.19
C VAL B 2 13.46 -29.14 -32.59
N LYS B 3 12.61 -28.55 -33.41
CA LYS B 3 13.11 -28.18 -34.69
C LYS B 3 12.33 -27.06 -35.28
N LEU B 4 13.07 -26.19 -35.93
CA LEU B 4 12.51 -25.07 -36.62
C LEU B 4 12.88 -25.34 -38.07
N ASP B 5 11.85 -25.62 -38.86
CA ASP B 5 11.98 -25.95 -40.27
C ASP B 5 11.59 -24.78 -41.12
N GLU B 6 12.58 -24.08 -41.62
CA GLU B 6 12.30 -22.92 -42.42
C GLU B 6 12.38 -23.32 -43.90
N THR B 7 11.50 -22.75 -44.73
CA THR B 7 11.46 -23.02 -46.16
C THR B 7 11.06 -21.80 -46.94
N GLY B 8 11.17 -21.90 -48.26
CA GLY B 8 10.77 -20.79 -49.10
C GLY B 8 11.95 -19.93 -49.55
N GLY B 9 13.16 -20.39 -49.29
CA GLY B 9 14.30 -19.61 -49.74
C GLY B 9 14.63 -19.89 -51.19
N GLY B 10 15.59 -19.14 -51.70
CA GLY B 10 16.00 -19.31 -53.07
C GLY B 10 16.40 -18.02 -53.74
N LEU B 11 16.49 -18.10 -55.06
CA LEU B 11 16.87 -16.99 -55.92
C LEU B 11 15.64 -16.16 -56.27
N VAL B 12 15.80 -14.86 -56.29
CA VAL B 12 14.71 -13.97 -56.64
C VAL B 12 15.30 -12.66 -57.23
N GLN B 13 14.62 -12.12 -58.24
CA GLN B 13 15.05 -10.87 -58.90
C GLN B 13 14.83 -9.68 -58.00
N PRO B 14 15.72 -8.70 -58.04
CA PRO B 14 15.50 -7.54 -57.17
C PRO B 14 14.16 -6.86 -57.50
N GLY B 15 13.51 -6.31 -56.47
CA GLY B 15 12.22 -5.69 -56.68
C GLY B 15 11.07 -6.69 -56.54
N ARG B 16 11.36 -7.98 -56.66
CA ARG B 16 10.30 -8.97 -56.50
C ARG B 16 10.12 -9.39 -55.02
N PRO B 17 9.06 -10.17 -54.75
CA PRO B 17 8.71 -10.66 -53.40
C PRO B 17 9.10 -12.10 -53.15
N MET B 18 9.14 -12.44 -51.88
CA MET B 18 9.51 -13.77 -51.46
C MET B 18 8.79 -14.09 -50.15
N LYS B 19 8.43 -15.33 -49.95
CA LYS B 19 7.77 -15.67 -48.72
C LYS B 19 8.45 -16.85 -48.03
N LEU B 20 8.85 -16.64 -46.78
CA LEU B 20 9.53 -17.67 -46.00
C LEU B 20 8.57 -18.24 -44.98
N SER B 21 8.71 -19.52 -44.68
CA SER B 21 7.85 -20.16 -43.70
C SER B 21 8.68 -20.92 -42.67
N CYS B 22 8.13 -21.05 -41.48
CA CYS B 22 8.82 -21.77 -40.44
C CYS B 22 7.80 -22.58 -39.64
N VAL B 23 8.03 -23.88 -39.51
CA VAL B 23 7.17 -24.82 -38.80
C VAL B 23 7.94 -25.34 -37.56
N ALA B 24 7.31 -25.25 -36.41
CA ALA B 24 7.99 -25.62 -35.19
C ALA B 24 7.42 -26.87 -34.55
N SER B 25 8.28 -27.69 -33.94
CA SER B 25 7.76 -28.84 -33.24
C SER B 25 8.72 -29.20 -32.13
N GLY B 26 8.19 -29.88 -31.12
CA GLY B 26 9.04 -30.30 -30.03
C GLY B 26 9.10 -29.40 -28.82
N PHE B 27 8.30 -28.32 -28.79
CA PHE B 27 8.23 -27.42 -27.62
C PHE B 27 6.92 -26.69 -27.66
N THR B 28 6.53 -26.13 -26.54
CA THR B 28 5.26 -25.39 -26.48
C THR B 28 5.35 -24.03 -27.17
N PHE B 29 5.01 -24.04 -28.46
CA PHE B 29 5.05 -22.90 -29.36
C PHE B 29 4.41 -21.62 -28.86
N SER B 30 3.24 -21.70 -28.23
CA SER B 30 2.58 -20.49 -27.80
C SER B 30 3.29 -19.77 -26.67
N ASP B 31 4.22 -20.43 -25.99
CA ASP B 31 5.01 -19.80 -24.93
C ASP B 31 6.23 -19.03 -25.44
N TYR B 32 6.40 -18.90 -26.76
CA TYR B 32 7.57 -18.26 -27.33
C TYR B 32 7.32 -17.08 -28.27
N TRP B 33 8.32 -16.21 -28.33
CA TRP B 33 8.31 -15.04 -29.21
C TRP B 33 9.11 -15.51 -30.43
N MET B 34 8.58 -15.30 -31.64
CA MET B 34 9.23 -15.76 -32.87
C MET B 34 10.04 -14.62 -33.50
N ASN B 35 11.25 -14.91 -33.96
CA ASN B 35 12.08 -13.85 -34.55
C ASN B 35 12.78 -14.34 -35.79
N TRP B 36 12.92 -13.50 -36.78
CA TRP B 36 13.68 -13.92 -37.96
C TRP B 36 14.97 -13.14 -37.81
N VAL B 37 16.09 -13.80 -38.05
CA VAL B 37 17.39 -13.14 -37.98
C VAL B 37 18.08 -13.59 -39.26
N ARG B 38 18.84 -12.67 -39.87
CA ARG B 38 19.55 -13.05 -41.08
C ARG B 38 21.04 -12.87 -40.93
N GLN B 39 21.79 -13.56 -41.77
CA GLN B 39 23.22 -13.47 -41.63
C GLN B 39 23.88 -13.34 -42.97
N SER B 40 24.77 -12.35 -43.07
CA SER B 40 25.49 -12.14 -44.31
C SER B 40 26.93 -11.77 -44.00
N PRO B 41 27.87 -12.17 -44.87
CA PRO B 41 29.27 -11.85 -44.63
C PRO B 41 29.48 -10.36 -44.37
N GLU B 42 28.74 -9.51 -45.08
CA GLU B 42 28.87 -8.07 -44.89
C GLU B 42 28.52 -7.54 -43.49
N LYS B 43 27.26 -7.64 -43.09
CA LYS B 43 26.85 -7.12 -41.78
C LYS B 43 26.82 -8.15 -40.68
N GLY B 44 27.22 -9.38 -40.97
CA GLY B 44 27.14 -10.41 -39.96
C GLY B 44 25.69 -10.73 -39.58
N LEU B 45 25.44 -10.92 -38.30
CA LEU B 45 24.12 -11.27 -37.76
C LEU B 45 23.17 -10.07 -37.50
N GLU B 46 22.02 -10.00 -38.18
CA GLU B 46 21.11 -8.92 -37.89
C GLU B 46 19.65 -9.38 -37.70
N TRP B 47 19.07 -8.89 -36.62
CA TRP B 47 17.69 -9.18 -36.24
C TRP B 47 16.80 -8.35 -37.17
N VAL B 48 15.74 -8.96 -37.71
CA VAL B 48 14.90 -8.20 -38.61
C VAL B 48 13.44 -8.01 -38.23
N ALA B 49 12.86 -8.97 -37.52
CA ALA B 49 11.46 -8.91 -37.15
C ALA B 49 11.08 -9.84 -36.00
N GLN B 50 10.00 -9.50 -35.34
CA GLN B 50 9.56 -10.22 -34.17
C GLN B 50 8.05 -10.29 -34.03
N ILE B 51 7.53 -11.40 -33.56
CA ILE B 51 6.13 -11.48 -33.31
C ILE B 51 6.02 -12.22 -32.02
N ARG B 52 5.39 -11.52 -31.08
CA ARG B 52 5.21 -11.96 -29.74
C ARG B 52 4.08 -12.98 -29.68
N ASN B 53 3.86 -13.53 -28.48
CA ASN B 53 2.80 -14.50 -28.28
C ASN B 53 1.49 -13.88 -27.75
N LYS B 54 0.56 -14.79 -27.41
CA LYS B 54 -0.77 -14.41 -26.93
C LYS B 54 -0.81 -13.39 -25.77
N PRO B 55 -0.10 -13.69 -24.64
CA PRO B 55 -0.06 -12.79 -23.49
C PRO B 55 0.25 -11.35 -23.90
N TYR B 56 0.95 -11.18 -25.03
CA TYR B 56 1.37 -9.86 -25.52
C TYR B 56 0.74 -9.44 -26.82
N ASN B 57 -0.45 -9.98 -27.09
CA ASN B 57 -1.21 -9.63 -28.26
C ASN B 57 -0.59 -9.81 -29.62
N TYR B 58 0.40 -10.68 -29.75
CA TYR B 58 0.96 -10.90 -31.06
C TYR B 58 1.50 -9.60 -31.64
N GLU B 59 2.02 -8.73 -30.77
CA GLU B 59 2.62 -7.46 -31.20
C GLU B 59 3.84 -7.77 -32.09
N THR B 60 4.08 -6.94 -33.10
CA THR B 60 5.17 -7.16 -34.01
C THR B 60 6.12 -5.97 -34.02
N TYR B 61 7.38 -6.22 -34.33
CA TYR B 61 8.37 -5.15 -34.36
C TYR B 61 9.22 -5.49 -35.54
N TYR B 62 9.87 -4.49 -36.11
CA TYR B 62 10.70 -4.65 -37.29
C TYR B 62 11.94 -3.76 -37.15
N SER B 63 13.00 -4.06 -37.89
CA SER B 63 14.16 -3.20 -37.85
C SER B 63 13.91 -2.16 -38.95
N ASP B 64 14.46 -0.97 -38.77
CA ASP B 64 14.29 0.12 -39.73
C ASP B 64 14.53 -0.27 -41.16
N SER B 65 15.44 -1.21 -41.38
CA SER B 65 15.83 -1.67 -42.71
C SER B 65 14.74 -2.36 -43.52
N VAL B 66 13.75 -2.91 -42.84
CA VAL B 66 12.70 -3.64 -43.52
C VAL B 66 11.28 -3.17 -43.22
N LYS B 67 11.14 -2.21 -42.30
CA LYS B 67 9.85 -1.64 -41.90
C LYS B 67 9.11 -1.17 -43.14
N GLY B 68 7.84 -1.53 -43.24
CA GLY B 68 7.12 -1.14 -44.43
C GLY B 68 7.27 -2.12 -45.57
N ARG B 69 8.36 -2.91 -45.65
CA ARG B 69 8.51 -3.89 -46.74
C ARG B 69 8.27 -5.32 -46.32
N PHE B 70 8.52 -5.60 -45.04
CA PHE B 70 8.38 -6.96 -44.51
C PHE B 70 7.20 -7.07 -43.56
N THR B 71 6.52 -8.21 -43.59
CA THR B 71 5.43 -8.44 -42.64
C THR B 71 5.62 -9.82 -42.05
N ILE B 72 5.52 -9.92 -40.72
CA ILE B 72 5.67 -11.19 -40.08
C ILE B 72 4.32 -11.60 -39.48
N SER B 73 4.02 -12.88 -39.50
CA SER B 73 2.75 -13.33 -38.95
C SER B 73 2.93 -14.71 -38.37
N ARG B 74 2.01 -15.12 -37.49
CA ARG B 74 2.06 -16.46 -36.90
C ARG B 74 0.68 -17.08 -36.81
N ASP B 75 0.66 -18.41 -36.69
CA ASP B 75 -0.58 -19.14 -36.55
C ASP B 75 -0.26 -20.20 -35.51
N ASP B 76 -0.75 -19.97 -34.29
CA ASP B 76 -0.50 -20.90 -33.21
C ASP B 76 -1.18 -22.22 -33.46
N SER B 77 -2.27 -22.22 -34.23
CA SER B 77 -2.97 -23.47 -34.53
C SER B 77 -2.06 -24.36 -35.38
N LYS B 78 -1.23 -23.77 -36.23
CA LYS B 78 -0.32 -24.58 -37.05
C LYS B 78 1.16 -24.55 -36.63
N SER B 79 1.47 -24.01 -35.44
CA SER B 79 2.86 -23.92 -34.98
C SER B 79 3.78 -23.34 -36.07
N SER B 80 3.33 -22.28 -36.73
CA SER B 80 4.08 -21.69 -37.83
C SER B 80 4.19 -20.18 -37.78
N VAL B 81 5.28 -19.67 -38.34
CA VAL B 81 5.55 -18.23 -38.49
C VAL B 81 5.88 -18.07 -39.96
N TYR B 82 5.61 -16.88 -40.49
CA TYR B 82 5.87 -16.56 -41.88
C TYR B 82 6.52 -15.18 -42.02
N LEU B 83 7.32 -15.02 -43.06
CA LEU B 83 7.93 -13.75 -43.31
C LEU B 83 7.66 -13.41 -44.77
N GLN B 84 6.81 -12.42 -44.97
CA GLN B 84 6.49 -11.98 -46.32
C GLN B 84 7.41 -10.81 -46.58
N MET B 85 8.26 -10.96 -47.60
CA MET B 85 9.23 -9.94 -48.00
C MET B 85 8.85 -9.37 -49.36
N ASN B 86 8.81 -8.04 -49.48
CA ASN B 86 8.46 -7.37 -50.74
C ASN B 86 9.55 -6.39 -51.16
N ASN B 87 9.63 -6.10 -52.46
CA ASN B 87 10.65 -5.19 -53.01
C ASN B 87 12.04 -5.47 -52.48
N LEU B 88 12.50 -6.70 -52.64
CA LEU B 88 13.81 -7.16 -52.20
C LEU B 88 14.97 -6.46 -52.94
N ARG B 89 16.02 -6.10 -52.20
CA ARG B 89 17.21 -5.45 -52.75
C ARG B 89 18.44 -6.31 -52.47
N ALA B 90 19.56 -5.94 -53.06
CA ALA B 90 20.77 -6.70 -52.87
C ALA B 90 21.11 -6.85 -51.38
N GLU B 91 20.88 -5.80 -50.61
CA GLU B 91 21.18 -5.81 -49.19
C GLU B 91 20.28 -6.74 -48.36
N ASP B 92 19.31 -7.39 -48.99
CA ASP B 92 18.44 -8.30 -48.23
C ASP B 92 18.97 -9.72 -48.32
N MET B 93 19.97 -9.93 -49.17
CA MET B 93 20.57 -11.23 -49.37
C MET B 93 21.22 -11.81 -48.10
N GLY B 94 21.06 -13.11 -47.85
CA GLY B 94 21.68 -13.70 -46.67
C GLY B 94 20.96 -14.96 -46.24
N ILE B 95 21.41 -15.57 -45.16
CA ILE B 95 20.77 -16.77 -44.65
C ILE B 95 19.78 -16.29 -43.60
N TYR B 96 18.53 -16.73 -43.76
CA TYR B 96 17.50 -16.34 -42.82
C TYR B 96 17.19 -17.45 -41.84
N TYR B 97 17.27 -17.13 -40.56
CA TYR B 97 16.98 -18.11 -39.54
C TYR B 97 15.74 -17.76 -38.81
N CYS B 98 14.96 -18.80 -38.56
CA CYS B 98 13.76 -18.76 -37.77
C CYS B 98 14.21 -19.02 -36.32
N THR B 99 13.73 -18.25 -35.37
CA THR B 99 14.16 -18.45 -34.01
C THR B 99 12.99 -18.32 -33.07
N SER B 100 13.07 -18.99 -31.93
CA SER B 100 11.98 -18.89 -30.98
C SER B 100 12.66 -18.53 -29.67
N TYR B 101 12.15 -17.52 -29.01
CA TYR B 101 12.74 -17.05 -27.77
C TYR B 101 11.75 -17.14 -26.64
N GLY B 102 12.20 -17.72 -25.58
CA GLY B 102 11.27 -17.86 -24.48
C GLY B 102 11.88 -17.56 -23.15
N TYR B 103 11.17 -17.99 -22.13
CA TYR B 103 11.58 -17.74 -20.78
C TYR B 103 12.84 -18.48 -20.30
N HIS B 104 12.90 -19.78 -20.56
CA HIS B 104 14.03 -20.60 -20.14
C HIS B 104 15.02 -20.90 -21.22
N GLY B 105 14.76 -20.48 -22.45
CA GLY B 105 15.70 -20.79 -23.50
C GLY B 105 15.32 -20.30 -24.87
N ALA B 106 16.13 -20.67 -25.87
CA ALA B 106 15.91 -20.20 -27.24
C ALA B 106 16.45 -21.23 -28.24
N TYR B 107 15.81 -21.32 -29.41
CA TYR B 107 16.19 -22.24 -30.49
C TYR B 107 16.24 -21.52 -31.82
N TRP B 108 17.15 -22.00 -32.67
CA TRP B 108 17.40 -21.46 -34.01
C TRP B 108 17.23 -22.53 -35.08
N GLY B 109 16.51 -22.20 -36.14
CA GLY B 109 16.35 -23.13 -37.26
C GLY B 109 17.65 -23.30 -38.02
N GLN B 110 17.61 -24.05 -39.11
CA GLN B 110 18.86 -24.30 -39.86
C GLN B 110 19.33 -23.19 -40.76
N GLY B 111 18.40 -22.33 -41.14
CA GLY B 111 18.66 -21.23 -42.03
C GLY B 111 18.30 -21.61 -43.46
N THR B 112 17.86 -20.63 -44.24
CA THR B 112 17.55 -20.82 -45.67
C THR B 112 18.16 -19.62 -46.44
N LEU B 113 18.94 -19.90 -47.48
CA LEU B 113 19.59 -18.85 -48.22
C LEU B 113 18.70 -18.12 -49.21
N VAL B 114 18.66 -16.80 -49.09
CA VAL B 114 17.90 -16.01 -50.02
C VAL B 114 18.92 -15.25 -50.88
N THR B 115 18.88 -15.51 -52.17
CA THR B 115 19.78 -14.85 -53.12
C THR B 115 19.00 -13.84 -53.97
N VAL B 116 19.40 -12.58 -53.92
CA VAL B 116 18.75 -11.56 -54.68
C VAL B 116 19.66 -11.18 -55.83
N SER B 117 19.32 -11.69 -57.02
CA SER B 117 20.12 -11.44 -58.20
C SER B 117 19.31 -11.53 -59.47
N ALA B 118 19.80 -10.81 -60.49
CA ALA B 118 19.21 -10.78 -61.82
C ALA B 118 19.67 -12.01 -62.63
N ALA B 119 20.89 -12.50 -62.35
CA ALA B 119 21.46 -13.68 -63.03
C ALA B 119 20.49 -14.83 -63.13
N LYS B 120 20.69 -15.72 -64.09
CA LYS B 120 19.75 -16.82 -64.23
C LYS B 120 20.34 -18.06 -63.60
N THR B 121 19.47 -18.99 -63.25
CA THR B 121 19.83 -20.25 -62.67
C THR B 121 20.65 -21.08 -63.65
N THR B 122 21.83 -21.53 -63.24
CA THR B 122 22.66 -22.32 -64.12
C THR B 122 22.98 -23.67 -63.45
N ALA B 123 22.64 -24.76 -64.12
CA ALA B 123 22.92 -26.09 -63.59
C ALA B 123 24.45 -26.29 -63.38
N PRO B 124 24.88 -27.12 -62.40
CA PRO B 124 26.33 -27.25 -62.29
C PRO B 124 26.85 -28.33 -63.23
N SER B 125 28.13 -28.27 -63.54
CA SER B 125 28.80 -29.29 -64.37
C SER B 125 29.67 -30.13 -63.41
N VAL B 126 29.30 -31.38 -63.22
CA VAL B 126 30.01 -32.25 -62.29
C VAL B 126 31.04 -33.19 -62.92
N TYR B 127 32.28 -33.10 -62.44
CA TYR B 127 33.34 -33.95 -63.00
C TYR B 127 34.14 -34.60 -61.91
N PRO B 128 34.43 -35.88 -62.07
CA PRO B 128 35.21 -36.69 -61.14
C PRO B 128 36.68 -36.36 -61.15
N LEU B 129 37.31 -36.54 -60.01
CA LEU B 129 38.71 -36.27 -59.85
C LEU B 129 39.46 -37.55 -59.39
N ALA B 130 40.07 -38.26 -60.33
CA ALA B 130 40.84 -39.47 -60.05
C ALA B 130 42.32 -39.13 -60.11
N PRO B 131 43.17 -39.92 -59.43
CA PRO B 131 44.62 -39.72 -59.37
C PRO B 131 45.38 -39.88 -60.69
N GLY B 132 46.53 -39.21 -60.80
CA GLY B 132 47.35 -39.31 -61.98
C GLY B 132 47.92 -40.72 -62.12
N THR B 133 48.16 -41.33 -60.96
CA THR B 133 48.67 -42.70 -60.84
C THR B 133 48.28 -43.20 -59.45
N ALA B 134 47.08 -43.78 -59.36
CA ALA B 134 46.52 -44.29 -58.11
C ALA B 134 47.24 -45.47 -57.44
N ALA B 135 48.01 -45.16 -56.39
CA ALA B 135 48.75 -46.16 -55.62
C ALA B 135 48.43 -46.02 -54.11
N LEU B 136 49.32 -45.39 -53.36
CA LEU B 136 49.08 -45.21 -51.93
C LEU B 136 49.88 -44.04 -51.36
N LYS B 137 49.16 -43.01 -50.91
CA LYS B 137 49.79 -41.81 -50.33
C LYS B 137 50.57 -42.24 -49.08
N SER B 138 49.89 -43.00 -48.21
CA SER B 138 50.46 -43.56 -46.98
C SER B 138 49.69 -44.83 -46.61
N SER B 139 48.48 -44.64 -46.10
CA SER B 139 47.60 -45.75 -45.76
C SER B 139 46.28 -45.30 -46.39
N MET B 140 46.38 -44.21 -47.16
CA MET B 140 45.21 -43.60 -47.77
C MET B 140 45.32 -43.23 -49.26
N VAL B 141 44.22 -42.65 -49.75
CA VAL B 141 44.11 -42.20 -51.12
C VAL B 141 43.12 -41.04 -51.14
N THR B 142 43.48 -39.98 -51.85
CA THR B 142 42.61 -38.82 -51.94
C THR B 142 41.95 -38.81 -53.32
N LEU B 143 40.62 -38.74 -53.32
CA LEU B 143 39.80 -38.70 -54.54
C LEU B 143 39.02 -37.37 -54.54
N GLY B 144 38.45 -36.99 -55.67
CA GLY B 144 37.74 -35.72 -55.68
C GLY B 144 36.54 -35.55 -56.56
N CYS B 145 35.92 -34.39 -56.47
CA CYS B 145 34.76 -34.13 -57.28
C CYS B 145 34.61 -32.62 -57.50
N LEU B 146 34.58 -32.22 -58.77
CA LEU B 146 34.48 -30.79 -59.12
C LEU B 146 33.06 -30.42 -59.57
N VAL B 147 32.53 -29.38 -58.95
CA VAL B 147 31.18 -28.89 -59.21
C VAL B 147 31.37 -27.49 -59.80
N LYS B 148 31.41 -27.48 -61.12
CA LYS B 148 31.71 -26.29 -61.87
C LYS B 148 30.58 -25.45 -62.47
N GLY B 149 30.73 -24.15 -62.31
CA GLY B 149 29.79 -23.16 -62.81
C GLY B 149 28.31 -23.31 -62.57
N TYR B 150 27.84 -23.02 -61.36
CA TYR B 150 26.41 -23.14 -61.09
C TYR B 150 25.93 -21.87 -60.44
N PHE B 151 24.62 -21.71 -60.43
CA PHE B 151 24.04 -20.54 -59.80
C PHE B 151 22.55 -20.83 -59.49
N PRO B 152 22.07 -20.47 -58.27
CA PRO B 152 22.82 -19.85 -57.17
C PRO B 152 23.22 -20.93 -56.18
N GLU B 153 23.68 -20.52 -55.01
CA GLU B 153 23.98 -21.47 -53.96
C GLU B 153 22.61 -21.93 -53.41
N PRO B 154 22.56 -23.04 -52.68
CA PRO B 154 23.66 -23.91 -52.31
C PRO B 154 23.65 -25.13 -53.18
N VAL B 155 24.65 -25.93 -53.02
CA VAL B 155 24.73 -27.18 -53.76
C VAL B 155 25.00 -28.18 -52.64
N THR B 156 24.41 -29.36 -52.73
CA THR B 156 24.66 -30.34 -51.70
C THR B 156 25.55 -31.46 -52.27
N VAL B 157 26.63 -31.78 -51.56
CA VAL B 157 27.51 -32.84 -52.00
C VAL B 157 27.68 -33.92 -50.95
N THR B 158 27.38 -35.15 -51.31
CA THR B 158 27.59 -36.26 -50.39
C THR B 158 28.42 -37.34 -51.09
N TRP B 159 29.01 -38.23 -50.32
CA TRP B 159 29.78 -39.29 -50.91
C TRP B 159 29.16 -40.65 -50.60
N ASN B 160 28.95 -41.47 -51.62
CA ASN B 160 28.34 -42.79 -51.45
C ASN B 160 26.97 -42.66 -50.79
N SER B 161 26.09 -41.93 -51.46
CA SER B 161 24.74 -41.70 -50.96
C SER B 161 24.76 -41.20 -49.50
N GLY B 162 25.94 -41.00 -48.95
CA GLY B 162 26.10 -40.51 -47.58
C GLY B 162 26.91 -41.40 -46.65
N SER B 163 27.13 -42.65 -47.08
CA SER B 163 27.85 -43.66 -46.30
C SER B 163 29.29 -43.34 -45.97
N LEU B 164 29.90 -42.47 -46.77
CA LEU B 164 31.29 -42.08 -46.55
C LEU B 164 31.29 -40.69 -45.89
N SER B 165 31.61 -40.64 -44.60
CA SER B 165 31.60 -39.38 -43.83
C SER B 165 32.98 -38.85 -43.41
N SER B 166 33.68 -39.65 -42.62
CA SER B 166 35.01 -39.28 -42.16
C SER B 166 35.93 -39.23 -43.38
N GLY B 167 36.82 -38.24 -43.40
CA GLY B 167 37.74 -38.13 -44.50
C GLY B 167 37.19 -37.39 -45.71
N VAL B 168 36.20 -36.54 -45.49
CA VAL B 168 35.60 -35.76 -46.55
C VAL B 168 35.84 -34.29 -46.33
N HIS B 169 36.23 -33.60 -47.40
CA HIS B 169 36.44 -32.15 -47.38
C HIS B 169 35.70 -31.50 -48.54
N THR B 170 34.74 -30.67 -48.18
CA THR B 170 33.96 -29.97 -49.16
C THR B 170 34.32 -28.49 -48.98
N PHE B 171 35.03 -27.93 -49.95
CA PHE B 171 35.42 -26.53 -49.83
C PHE B 171 34.31 -25.52 -50.11
N PRO B 172 34.43 -24.33 -49.52
CA PRO B 172 33.43 -23.27 -49.73
C PRO B 172 33.35 -22.93 -51.22
N ALA B 173 32.16 -22.59 -51.71
CA ALA B 173 31.99 -22.23 -53.13
C ALA B 173 32.66 -20.90 -53.40
N VAL B 174 33.20 -20.74 -54.60
CA VAL B 174 33.83 -19.48 -54.98
C VAL B 174 33.19 -18.91 -56.26
N LEU B 175 32.93 -17.60 -56.24
CA LEU B 175 32.31 -16.88 -57.35
C LEU B 175 33.29 -16.52 -58.46
N GLN B 176 33.08 -17.10 -59.62
CA GLN B 176 33.96 -16.82 -60.75
C GLN B 176 33.11 -16.49 -61.97
N SER B 177 33.35 -15.31 -62.55
CA SER B 177 32.60 -14.89 -63.74
C SER B 177 31.08 -15.02 -63.51
N ALA B 178 30.59 -14.52 -62.38
CA ALA B 178 29.14 -14.61 -62.14
C ALA B 178 28.61 -16.03 -61.89
N LEU B 179 29.51 -16.97 -61.62
CA LEU B 179 29.13 -18.35 -61.36
C LEU B 179 29.92 -19.00 -60.20
N TYR B 180 29.31 -19.96 -59.52
CA TYR B 180 30.00 -20.62 -58.44
C TYR B 180 30.70 -21.90 -58.85
N THR B 181 31.83 -22.15 -58.19
CA THR B 181 32.56 -23.38 -58.43
C THR B 181 32.97 -23.88 -57.08
N LEU B 182 32.83 -25.19 -56.90
CA LEU B 182 33.13 -25.86 -55.64
C LEU B 182 33.74 -27.28 -55.85
N THR B 183 34.53 -27.73 -54.90
CA THR B 183 35.15 -29.05 -54.95
C THR B 183 34.99 -29.83 -53.64
N SER B 184 35.19 -31.12 -53.72
CA SER B 184 35.06 -31.95 -52.54
C SER B 184 36.04 -33.11 -52.61
N SER B 185 36.86 -33.25 -51.58
CA SER B 185 37.79 -34.38 -51.57
C SER B 185 37.35 -35.39 -50.53
N VAL B 186 37.81 -36.61 -50.70
CA VAL B 186 37.50 -37.68 -49.75
C VAL B 186 38.72 -38.60 -49.73
N THR B 187 39.21 -38.94 -48.56
CA THR B 187 40.33 -39.88 -48.52
C THR B 187 39.86 -41.24 -48.02
N VAL B 188 40.21 -42.28 -48.76
CA VAL B 188 39.81 -43.63 -48.41
C VAL B 188 40.96 -44.63 -48.30
N PRO B 189 40.82 -45.63 -47.42
CA PRO B 189 41.88 -46.62 -47.28
C PRO B 189 42.22 -47.22 -48.64
N SER B 190 43.52 -47.31 -48.92
CA SER B 190 44.05 -47.83 -50.18
C SER B 190 43.47 -49.17 -50.65
N SER B 191 43.26 -50.10 -49.71
CA SER B 191 42.72 -51.41 -50.07
C SER B 191 41.27 -51.30 -50.48
N SER B 192 40.66 -50.20 -50.06
CA SER B 192 39.25 -49.96 -50.35
C SER B 192 38.98 -49.52 -51.77
N TRP B 193 39.93 -48.77 -52.32
CA TRP B 193 39.79 -48.28 -53.68
C TRP B 193 41.02 -48.66 -54.54
N PRO B 194 40.82 -48.91 -55.84
CA PRO B 194 39.57 -48.89 -56.59
C PRO B 194 38.76 -50.17 -56.44
N SER B 195 39.02 -50.91 -55.36
CA SER B 195 38.30 -52.15 -55.10
C SER B 195 36.78 -51.90 -55.17
N GLN B 196 36.25 -51.21 -54.17
CA GLN B 196 34.82 -50.88 -54.10
C GLN B 196 34.53 -49.56 -54.84
N THR B 197 33.26 -49.31 -55.18
CA THR B 197 32.91 -48.08 -55.87
C THR B 197 32.65 -46.88 -54.96
N VAL B 198 33.26 -45.76 -55.30
CA VAL B 198 33.09 -44.52 -54.57
C VAL B 198 32.52 -43.57 -55.58
N THR B 199 31.49 -42.82 -55.18
CA THR B 199 30.88 -41.87 -56.11
C THR B 199 30.37 -40.64 -55.35
N CYS B 200 30.47 -39.47 -55.95
CA CYS B 200 29.93 -38.27 -55.28
C CYS B 200 28.56 -38.06 -55.85
N ASN B 201 27.66 -37.59 -54.98
CA ASN B 201 26.32 -37.32 -55.43
C ASN B 201 26.20 -35.83 -55.21
N VAL B 202 25.66 -35.13 -56.21
CA VAL B 202 25.51 -33.69 -56.16
C VAL B 202 24.08 -33.29 -56.42
N ALA B 203 23.59 -32.36 -55.63
CA ALA B 203 22.23 -31.92 -55.79
C ALA B 203 22.21 -30.41 -55.79
N HIS B 204 21.51 -29.86 -56.76
CA HIS B 204 21.40 -28.41 -56.91
C HIS B 204 19.91 -28.16 -57.05
N PRO B 205 19.21 -28.00 -55.91
CA PRO B 205 17.78 -27.74 -55.81
C PRO B 205 17.26 -26.72 -56.80
N ALA B 206 17.88 -25.55 -56.86
CA ALA B 206 17.43 -24.49 -57.75
C ALA B 206 17.19 -24.89 -59.20
N SER B 207 17.97 -25.84 -59.74
CA SER B 207 17.79 -26.25 -61.11
C SER B 207 17.33 -27.68 -61.10
N SER B 208 16.90 -28.14 -59.94
CA SER B 208 16.45 -29.50 -59.90
C SER B 208 17.43 -30.47 -60.55
N THR B 209 18.72 -30.37 -60.19
CA THR B 209 19.74 -31.25 -60.74
C THR B 209 20.18 -32.23 -59.66
N LYS B 210 20.38 -33.47 -60.06
CA LYS B 210 20.79 -34.53 -59.16
C LYS B 210 21.71 -35.41 -59.96
N VAL B 211 23.01 -35.32 -59.70
CA VAL B 211 23.98 -36.12 -60.43
C VAL B 211 24.78 -37.09 -59.55
N ASP B 212 25.08 -38.27 -60.07
CA ASP B 212 25.85 -39.28 -59.35
C ASP B 212 27.03 -39.72 -60.23
N LYS B 213 28.23 -39.22 -59.98
CA LYS B 213 29.38 -39.62 -60.79
C LYS B 213 30.26 -40.59 -60.02
N LYS B 214 30.55 -41.74 -60.64
CA LYS B 214 31.41 -42.72 -60.01
C LYS B 214 32.85 -42.26 -60.30
N ILE B 215 33.73 -42.49 -59.34
CA ILE B 215 35.13 -42.10 -59.47
C ILE B 215 35.92 -43.34 -59.94
N VAL B 216 36.30 -43.33 -61.21
CA VAL B 216 37.05 -44.45 -61.78
C VAL B 216 38.55 -44.13 -61.88
N PRO B 217 39.38 -45.17 -62.08
CA PRO B 217 40.84 -45.03 -62.20
C PRO B 217 41.16 -44.40 -63.56
N ARG B 218 42.19 -43.55 -63.61
CA ARG B 218 42.58 -42.91 -64.88
C ARG B 218 44.08 -42.74 -65.04
N ASN B 219 44.67 -43.51 -65.92
CA ASN B 219 46.09 -43.34 -66.16
C ASN B 219 46.19 -42.21 -67.15
N CYS B 220 45.27 -42.21 -68.11
CA CYS B 220 45.20 -41.19 -69.15
C CYS B 220 46.06 -41.63 -70.33
N ASP C 1 -13.01 -0.56 35.45
CA ASP C 1 -13.71 0.76 35.62
C ASP C 1 -12.88 1.68 36.48
N VAL C 2 -12.10 2.52 35.81
CA VAL C 2 -11.21 3.47 36.44
C VAL C 2 -11.93 4.17 37.56
N VAL C 3 -11.33 4.15 38.76
CA VAL C 3 -11.93 4.80 39.91
C VAL C 3 -11.23 6.13 40.05
N MET C 4 -11.99 7.17 40.40
CA MET C 4 -11.40 8.49 40.55
C MET C 4 -11.64 8.87 41.97
N THR C 5 -10.54 9.13 42.66
CA THR C 5 -10.60 9.46 44.08
C THR C 5 -10.23 10.88 44.23
N GLN C 6 -11.14 11.65 44.77
CA GLN C 6 -10.91 13.05 44.95
C GLN C 6 -10.81 13.32 46.46
N THR C 7 -9.97 14.28 46.85
CA THR C 7 -9.78 14.67 48.26
C THR C 7 -9.33 16.13 48.31
N PRO C 8 -9.72 16.87 49.37
CA PRO C 8 -10.56 16.36 50.46
C PRO C 8 -12.03 16.45 50.03
N LEU C 9 -12.93 16.16 50.95
CA LEU C 9 -14.35 16.24 50.66
C LEU C 9 -14.81 17.66 50.83
N SER C 10 -14.37 18.26 51.91
CA SER C 10 -14.74 19.61 52.23
C SER C 10 -13.48 20.44 52.37
N LEU C 11 -13.51 21.70 51.96
CA LEU C 11 -12.33 22.52 52.08
C LEU C 11 -12.68 23.97 52.44
N PRO C 12 -12.63 24.29 53.74
CA PRO C 12 -12.92 25.63 54.25
C PRO C 12 -11.70 26.51 54.17
N VAL C 13 -11.78 27.58 53.40
CA VAL C 13 -10.66 28.50 53.23
C VAL C 13 -11.12 29.94 53.36
N SER C 14 -10.20 30.80 53.78
CA SER C 14 -10.44 32.22 53.98
C SER C 14 -10.26 32.96 52.64
N LEU C 15 -10.94 34.08 52.45
CA LEU C 15 -10.77 34.81 51.19
C LEU C 15 -9.30 35.12 50.93
N GLY C 16 -8.84 34.88 49.71
CA GLY C 16 -7.44 35.13 49.41
C GLY C 16 -6.43 34.02 49.73
N ASP C 17 -6.81 32.96 50.45
CA ASP C 17 -5.85 31.89 50.73
C ASP C 17 -5.70 31.06 49.46
N GLN C 18 -4.70 30.18 49.43
CA GLN C 18 -4.52 29.31 48.27
C GLN C 18 -5.32 28.08 48.64
N ALA C 19 -5.66 27.26 47.66
CA ALA C 19 -6.42 26.05 47.92
C ALA C 19 -6.01 25.03 46.89
N SER C 20 -5.86 23.80 47.32
CA SER C 20 -5.46 22.77 46.39
C SER C 20 -6.46 21.66 46.56
N ILE C 21 -6.68 20.92 45.48
CA ILE C 21 -7.61 19.80 45.43
C ILE C 21 -6.94 18.69 44.65
N SER C 22 -6.95 17.49 45.24
CA SER C 22 -6.31 16.36 44.64
C SER C 22 -7.25 15.36 43.99
N CYS C 23 -6.80 14.76 42.91
CA CYS C 23 -7.61 13.76 42.25
C CYS C 23 -6.65 12.65 41.75
N ARG C 24 -6.97 11.40 42.11
CA ARG C 24 -6.17 10.23 41.73
C ARG C 24 -6.97 9.18 40.96
N SER C 25 -6.33 8.45 40.05
CA SER C 25 -7.05 7.42 39.29
C SER C 25 -6.45 6.06 39.56
N SER C 26 -7.23 5.00 39.38
CA SER C 26 -6.74 3.65 39.63
C SER C 26 -5.94 3.09 38.42
N GLN C 27 -5.79 3.91 37.38
CA GLN C 27 -5.07 3.51 36.17
C GLN C 27 -4.44 4.74 35.54
N SER C 28 -3.50 4.52 34.61
CA SER C 28 -2.84 5.64 33.95
C SER C 28 -3.86 6.32 33.00
N LEU C 29 -3.93 7.64 33.06
CA LEU C 29 -4.87 8.33 32.20
C LEU C 29 -4.21 8.84 30.94
N VAL C 30 -3.17 8.13 30.50
CA VAL C 30 -2.46 8.51 29.30
C VAL C 30 -2.98 7.66 28.17
N HIS C 31 -3.64 8.33 27.22
CA HIS C 31 -4.24 7.66 26.09
C HIS C 31 -3.15 7.22 25.14
N SER C 32 -3.46 6.15 24.45
CA SER C 32 -2.59 5.53 23.47
C SER C 32 -2.32 6.47 22.31
N ASN C 33 -2.86 7.68 22.38
CA ASN C 33 -2.62 8.68 21.36
C ASN C 33 -1.81 9.78 22.04
N GLY C 34 -1.36 9.45 23.25
CA GLY C 34 -0.49 10.37 24.00
C GLY C 34 -1.15 11.51 24.71
N ASN C 35 -2.49 11.55 24.65
CA ASN C 35 -3.26 12.59 25.33
C ASN C 35 -3.71 12.07 26.71
N THR C 36 -3.74 12.96 27.70
CA THR C 36 -4.21 12.59 29.04
C THR C 36 -5.51 13.38 29.29
N TYR C 37 -6.61 12.64 29.22
CA TYR C 37 -7.95 13.21 29.34
C TYR C 37 -8.49 13.35 30.76
N LEU C 38 -8.02 14.40 31.44
CA LEU C 38 -8.41 14.65 32.81
C LEU C 38 -8.91 16.06 32.84
N HIS C 39 -10.14 16.26 33.28
CA HIS C 39 -10.66 17.62 33.29
C HIS C 39 -11.19 17.96 34.67
N TRP C 40 -11.33 19.26 34.88
CA TRP C 40 -11.85 19.80 36.11
C TRP C 40 -13.08 20.68 35.81
N TYR C 41 -14.02 20.67 36.75
CA TYR C 41 -15.25 21.45 36.64
C TYR C 41 -15.63 22.10 37.94
N LEU C 42 -16.48 23.11 37.85
CA LEU C 42 -17.00 23.81 39.03
C LEU C 42 -18.52 23.80 38.94
N GLN C 43 -19.19 23.20 39.91
CA GLN C 43 -20.64 23.26 39.91
C GLN C 43 -21.01 24.26 40.98
N LYS C 44 -21.38 25.47 40.56
CA LYS C 44 -21.77 26.47 41.53
C LYS C 44 -23.12 26.03 42.07
N PRO C 45 -23.51 26.51 43.24
CA PRO C 45 -24.80 26.11 43.80
C PRO C 45 -25.96 26.44 42.89
N GLY C 46 -26.69 25.39 42.48
CA GLY C 46 -27.84 25.55 41.62
C GLY C 46 -27.60 25.64 40.11
N GLN C 47 -26.37 25.41 39.67
CA GLN C 47 -26.09 25.46 38.26
C GLN C 47 -25.54 24.12 37.92
N SER C 48 -25.28 23.88 36.64
CA SER C 48 -24.70 22.62 36.26
C SER C 48 -23.18 22.74 36.18
N PRO C 49 -22.44 21.62 36.15
CA PRO C 49 -20.98 21.68 36.08
C PRO C 49 -20.52 22.59 34.94
N LYS C 50 -19.44 23.33 35.18
CA LYS C 50 -18.87 24.20 34.17
C LYS C 50 -17.37 23.89 34.02
N LEU C 51 -16.91 23.54 32.81
CA LEU C 51 -15.49 23.20 32.61
C LEU C 51 -14.55 24.32 32.99
N LEU C 52 -13.50 23.97 33.73
CA LEU C 52 -12.49 24.94 34.20
C LEU C 52 -11.14 24.73 33.53
N ILE C 53 -10.64 23.51 33.65
CA ILE C 53 -9.36 23.15 33.10
C ILE C 53 -9.56 21.94 32.24
N TYR C 54 -9.04 22.01 31.02
CA TYR C 54 -9.16 20.90 30.06
C TYR C 54 -7.82 20.18 29.92
N LYS C 55 -7.86 18.89 29.58
CA LYS C 55 -6.64 18.12 29.41
C LYS C 55 -5.52 18.54 30.37
N VAL C 56 -5.68 18.12 31.64
CA VAL C 56 -4.76 18.37 32.74
C VAL C 56 -4.33 19.79 33.07
N SER C 57 -4.11 20.64 32.07
CA SER C 57 -3.59 21.95 32.42
C SER C 57 -4.07 23.22 31.72
N ASN C 58 -4.77 23.07 30.60
CA ASN C 58 -5.27 24.20 29.83
C ASN C 58 -6.51 24.88 30.40
N ARG C 59 -6.38 26.12 30.86
CA ARG C 59 -7.54 26.84 31.37
C ARG C 59 -8.53 26.94 30.22
N PHE C 60 -9.78 27.24 30.53
CA PHE C 60 -10.81 27.35 29.51
C PHE C 60 -11.10 28.81 29.34
N SER C 61 -11.60 29.14 28.15
CA SER C 61 -11.92 30.52 27.82
C SER C 61 -12.81 31.17 28.84
N GLY C 62 -12.38 32.32 29.33
CA GLY C 62 -13.17 33.04 30.30
C GLY C 62 -12.80 32.67 31.70
N VAL C 63 -12.14 31.53 31.86
CA VAL C 63 -11.75 31.07 33.20
C VAL C 63 -10.56 31.87 33.67
N PRO C 64 -10.67 32.48 34.87
CA PRO C 64 -9.67 33.30 35.58
C PRO C 64 -8.32 32.62 35.69
N ASP C 65 -7.25 33.42 35.73
CA ASP C 65 -5.90 32.84 35.81
C ASP C 65 -5.49 32.36 37.21
N ARG C 66 -6.34 32.57 38.22
CA ARG C 66 -6.02 32.07 39.55
C ARG C 66 -6.22 30.55 39.59
N PHE C 67 -6.69 29.97 38.49
CA PHE C 67 -6.90 28.51 38.41
C PHE C 67 -5.82 27.84 37.59
N SER C 68 -5.14 26.87 38.17
CA SER C 68 -4.09 26.13 37.48
C SER C 68 -4.23 24.66 37.80
N GLY C 69 -3.91 23.82 36.82
CA GLY C 69 -3.99 22.38 36.99
C GLY C 69 -2.70 21.70 36.60
N SER C 70 -2.35 20.62 37.28
CA SER C 70 -1.12 19.88 37.01
C SER C 70 -1.29 18.44 37.41
N GLY C 71 -0.29 17.63 37.12
CA GLY C 71 -0.36 16.23 37.49
C GLY C 71 0.09 15.33 36.37
N SER C 72 0.17 14.04 36.62
CA SER C 72 0.59 13.13 35.56
C SER C 72 0.17 11.69 35.81
N GLY C 73 0.12 10.93 34.72
CA GLY C 73 -0.23 9.52 34.73
C GLY C 73 -1.45 9.11 35.54
N THR C 74 -1.35 9.29 36.86
CA THR C 74 -2.43 8.98 37.78
C THR C 74 -2.59 9.90 39.00
N ASP C 75 -1.84 10.99 39.07
CA ASP C 75 -2.02 11.92 40.19
C ASP C 75 -2.22 13.28 39.58
N PHE C 76 -3.29 13.98 39.95
CA PHE C 76 -3.56 15.31 39.37
C PHE C 76 -3.98 16.30 40.44
N THR C 77 -3.73 17.57 40.19
CA THR C 77 -4.00 18.62 41.17
C THR C 77 -4.53 19.93 40.59
N LEU C 78 -5.49 20.52 41.30
CA LEU C 78 -6.08 21.76 40.87
C LEU C 78 -5.79 22.78 41.98
N LYS C 79 -5.22 23.92 41.61
CA LYS C 79 -4.92 24.94 42.60
C LYS C 79 -5.63 26.24 42.25
N ILE C 80 -5.99 26.98 43.30
CA ILE C 80 -6.65 28.26 43.17
C ILE C 80 -5.82 29.17 44.08
N SER C 81 -5.12 30.14 43.49
CA SER C 81 -4.28 31.08 44.23
C SER C 81 -5.11 31.84 45.23
N ARG C 82 -5.47 33.06 44.90
CA ARG C 82 -6.27 33.85 45.80
C ARG C 82 -7.74 33.50 45.57
N VAL C 83 -8.33 32.81 46.56
CA VAL C 83 -9.72 32.37 46.55
C VAL C 83 -10.74 33.51 46.75
N GLU C 84 -11.61 33.74 45.77
CA GLU C 84 -12.66 34.77 45.87
C GLU C 84 -13.98 34.10 46.24
N ALA C 85 -14.92 34.88 46.77
CA ALA C 85 -16.23 34.32 47.17
C ALA C 85 -16.96 33.58 46.03
N GLU C 86 -16.87 34.15 44.84
CA GLU C 86 -17.50 33.59 43.65
C GLU C 86 -17.00 32.20 43.31
N ASP C 87 -16.02 31.73 44.08
CA ASP C 87 -15.38 30.43 43.90
C ASP C 87 -16.00 29.25 44.66
N LEU C 88 -16.93 29.53 45.57
CA LEU C 88 -17.52 28.44 46.31
C LEU C 88 -18.38 27.44 45.49
N GLY C 89 -18.33 26.16 45.86
CA GLY C 89 -19.12 25.19 45.15
C GLY C 89 -18.48 23.83 45.24
N VAL C 90 -18.82 22.96 44.32
CA VAL C 90 -18.23 21.64 44.30
C VAL C 90 -17.41 21.51 43.04
N TYR C 91 -16.15 21.08 43.24
CA TYR C 91 -15.21 20.83 42.17
C TYR C 91 -15.17 19.32 41.90
N PHE C 92 -15.11 18.94 40.64
CA PHE C 92 -15.03 17.55 40.31
C PHE C 92 -13.91 17.43 39.29
N CYS C 93 -13.50 16.20 39.04
CA CYS C 93 -12.50 15.94 38.01
C CYS C 93 -13.15 14.77 37.30
N SER C 94 -12.64 14.41 36.13
CA SER C 94 -13.16 13.23 35.42
C SER C 94 -12.07 12.74 34.48
N GLN C 95 -12.17 11.47 34.09
CA GLN C 95 -11.23 10.90 33.14
C GLN C 95 -12.03 10.48 31.90
N SER C 96 -11.50 10.73 30.71
CA SER C 96 -12.20 10.38 29.46
C SER C 96 -11.30 9.55 28.55
N THR C 97 -10.17 9.12 29.10
CA THR C 97 -9.21 8.30 28.40
C THR C 97 -9.79 6.90 28.25
N HIS C 98 -10.61 6.50 29.23
CA HIS C 98 -11.18 5.17 29.20
C HIS C 98 -12.68 5.20 29.19
N VAL C 99 -13.28 4.11 28.73
CA VAL C 99 -14.71 3.98 28.65
C VAL C 99 -15.06 2.79 29.53
N PRO C 100 -16.03 2.95 30.45
CA PRO C 100 -16.81 4.18 30.66
C PRO C 100 -16.06 5.36 31.25
N TRP C 101 -16.58 6.55 30.96
CA TRP C 101 -16.00 7.77 31.49
C TRP C 101 -16.39 7.79 32.97
N THR C 102 -15.53 8.30 33.84
CA THR C 102 -15.84 8.31 35.26
C THR C 102 -15.47 9.62 35.90
N PHE C 103 -16.22 10.02 36.92
CA PHE C 103 -15.98 11.27 37.62
C PHE C 103 -15.52 11.07 39.07
N GLY C 104 -14.79 12.05 39.61
CA GLY C 104 -14.37 11.96 41.01
C GLY C 104 -15.64 12.11 41.82
N GLY C 105 -15.54 12.15 43.15
CA GLY C 105 -16.72 12.26 44.01
C GLY C 105 -17.07 13.66 44.42
N GLY C 106 -16.23 14.62 44.07
CA GLY C 106 -16.53 16.02 44.38
C GLY C 106 -15.88 16.58 45.61
N THR C 107 -15.54 17.86 45.60
CA THR C 107 -14.91 18.52 46.74
C THR C 107 -15.69 19.81 46.93
N LYS C 108 -16.23 20.00 48.13
CA LYS C 108 -16.99 21.18 48.42
C LYS C 108 -16.11 22.27 48.97
N LEU C 109 -15.91 23.33 48.20
CA LEU C 109 -15.13 24.46 48.65
C LEU C 109 -16.08 25.26 49.46
N GLU C 110 -15.66 25.58 50.68
CA GLU C 110 -16.43 26.37 51.61
C GLU C 110 -15.65 27.59 51.98
N ILE C 111 -16.31 28.73 52.05
CA ILE C 111 -15.61 29.96 52.41
C ILE C 111 -15.76 30.28 53.87
N LYS C 112 -14.63 30.23 54.57
CA LYS C 112 -14.61 30.52 56.00
C LYS C 112 -14.78 32.00 56.20
N ARG C 113 -15.61 32.39 57.15
CA ARG C 113 -15.82 33.82 57.40
C ARG C 113 -16.09 34.07 58.88
N ALA C 114 -16.42 35.31 59.19
CA ALA C 114 -16.70 35.71 60.57
C ALA C 114 -18.07 35.23 61.00
N ASP C 115 -18.09 34.51 62.12
CA ASP C 115 -19.32 33.96 62.69
C ASP C 115 -20.42 35.02 62.61
N ALA C 116 -21.64 34.57 62.31
CA ALA C 116 -22.79 35.46 62.20
C ALA C 116 -24.04 34.73 62.71
N ALA C 117 -24.77 35.40 63.59
CA ALA C 117 -25.97 34.85 64.19
C ALA C 117 -27.15 34.91 63.20
N PRO C 118 -28.08 33.95 63.31
CA PRO C 118 -29.23 33.97 62.40
C PRO C 118 -30.27 35.01 62.77
N THR C 119 -30.97 35.53 61.76
CA THR C 119 -32.10 36.44 61.98
C THR C 119 -33.23 35.41 61.90
N VAL C 120 -34.02 35.28 62.97
CA VAL C 120 -35.09 34.31 63.05
C VAL C 120 -36.49 34.91 62.93
N SER C 121 -37.29 34.37 62.02
CA SER C 121 -38.67 34.82 61.85
C SER C 121 -39.58 33.60 62.02
N ILE C 122 -40.69 33.76 62.72
CA ILE C 122 -41.62 32.67 62.91
C ILE C 122 -42.96 33.10 62.32
N PHE C 123 -43.58 32.23 61.52
CA PHE C 123 -44.86 32.55 60.89
C PHE C 123 -45.98 31.60 61.27
N PRO C 124 -47.09 32.13 61.79
CA PRO C 124 -48.17 31.19 62.12
C PRO C 124 -48.88 30.82 60.79
N PRO C 125 -49.82 29.90 60.85
CA PRO C 125 -50.56 29.48 59.66
C PRO C 125 -51.35 30.60 59.05
N SER C 126 -51.29 30.73 57.72
CA SER C 126 -52.10 31.76 57.05
C SER C 126 -53.56 31.33 57.13
N SER C 127 -54.46 32.31 57.25
CA SER C 127 -55.91 32.04 57.34
C SER C 127 -56.39 31.18 56.14
N GLU C 128 -55.71 31.37 55.02
CA GLU C 128 -55.98 30.64 53.81
C GLU C 128 -55.69 29.14 54.06
N GLN C 129 -54.57 28.82 54.69
CA GLN C 129 -54.24 27.43 54.94
C GLN C 129 -55.22 26.80 55.91
N LEU C 130 -55.57 27.53 56.97
CA LEU C 130 -56.46 27.03 58.01
C LEU C 130 -57.75 26.58 57.40
N THR C 131 -58.22 27.38 56.45
CA THR C 131 -59.43 27.14 55.70
C THR C 131 -59.46 25.76 55.07
N SER C 132 -58.31 25.22 54.70
CA SER C 132 -58.29 23.88 54.11
C SER C 132 -58.18 22.84 55.20
N GLY C 133 -57.99 23.30 56.43
CA GLY C 133 -57.90 22.36 57.52
C GLY C 133 -56.47 21.98 57.89
N GLY C 134 -55.47 22.64 57.29
CA GLY C 134 -54.09 22.35 57.57
C GLY C 134 -53.51 23.48 58.39
N ALA C 135 -52.34 23.27 59.00
CA ALA C 135 -51.72 24.33 59.83
C ALA C 135 -50.20 24.15 59.92
N SER C 136 -49.50 24.86 59.07
CA SER C 136 -48.05 24.79 59.03
C SER C 136 -47.49 25.99 59.74
N VAL C 137 -46.52 25.79 60.62
CA VAL C 137 -45.93 26.91 61.33
C VAL C 137 -44.52 26.92 60.77
N VAL C 138 -44.06 28.07 60.31
CA VAL C 138 -42.77 28.17 59.66
C VAL C 138 -41.79 29.07 60.32
N CYS C 139 -40.56 28.60 60.38
CA CYS C 139 -39.51 29.34 60.99
C CYS C 139 -38.32 29.50 60.06
N PHE C 140 -37.90 30.74 59.81
CA PHE C 140 -36.74 30.99 58.98
C PHE C 140 -35.56 31.45 59.87
N LEU C 141 -34.42 30.81 59.69
CA LEU C 141 -33.18 31.14 60.41
C LEU C 141 -32.25 31.56 59.27
N ASN C 142 -32.17 32.87 59.05
CA ASN C 142 -31.39 33.37 57.91
C ASN C 142 -30.04 34.03 58.11
N ASN C 143 -29.16 33.81 57.14
CA ASN C 143 -27.81 34.38 57.09
C ASN C 143 -26.90 34.19 58.32
N PHE C 144 -26.52 32.93 58.58
CA PHE C 144 -25.66 32.67 59.72
C PHE C 144 -24.47 31.86 59.31
N TYR C 145 -23.45 31.85 60.18
CA TYR C 145 -22.21 31.11 59.95
C TYR C 145 -21.68 30.84 61.35
N PRO C 146 -21.14 29.64 61.61
CA PRO C 146 -20.99 28.51 60.70
C PRO C 146 -22.29 27.76 60.44
N LYS C 147 -22.24 26.82 59.51
CA LYS C 147 -23.40 26.03 59.13
C LYS C 147 -24.04 25.22 60.27
N ASP C 148 -23.29 24.96 61.34
CA ASP C 148 -23.83 24.17 62.44
C ASP C 148 -24.78 24.94 63.33
N ILE C 149 -26.04 24.51 63.31
CA ILE C 149 -27.06 25.15 64.11
C ILE C 149 -28.05 24.08 64.50
N ASN C 150 -28.75 24.29 65.60
CA ASN C 150 -29.69 23.31 66.06
C ASN C 150 -31.01 23.98 66.32
N VAL C 151 -32.10 23.33 65.92
CA VAL C 151 -33.40 23.93 66.05
C VAL C 151 -34.41 23.02 66.71
N LYS C 152 -35.12 23.52 67.70
CA LYS C 152 -36.13 22.70 68.34
C LYS C 152 -37.42 23.48 68.48
N TRP C 153 -38.54 22.80 68.24
CA TRP C 153 -39.82 23.42 68.36
C TRP C 153 -40.44 23.06 69.70
N LYS C 154 -40.95 24.09 70.38
CA LYS C 154 -41.62 23.89 71.65
C LYS C 154 -43.06 24.30 71.49
N ILE C 155 -43.96 23.43 71.92
CA ILE C 155 -45.38 23.66 71.87
C ILE C 155 -45.92 23.79 73.31
N ASP C 156 -46.41 24.97 73.64
CA ASP C 156 -46.96 25.24 74.98
C ASP C 156 -45.90 25.08 76.08
N GLY C 157 -44.68 25.45 75.73
CA GLY C 157 -43.58 25.38 76.69
C GLY C 157 -42.73 24.14 76.62
N SER C 158 -43.29 23.00 76.21
CA SER C 158 -42.48 21.79 76.16
C SER C 158 -42.17 21.37 74.71
N GLU C 159 -40.94 20.94 74.45
CA GLU C 159 -40.51 20.53 73.11
C GLU C 159 -41.20 19.29 72.48
N ARG C 160 -41.39 19.37 71.17
CA ARG C 160 -42.05 18.41 70.27
C ARG C 160 -41.20 17.25 69.71
N GLN C 161 -41.86 16.27 69.08
CA GLN C 161 -41.22 15.08 68.48
C GLN C 161 -41.09 15.05 66.93
N ASN C 162 -41.82 14.11 66.31
CA ASN C 162 -41.89 13.89 64.85
C ASN C 162 -42.62 15.09 64.23
N GLY C 163 -42.67 15.17 62.89
CA GLY C 163 -43.41 16.25 62.21
C GLY C 163 -42.72 17.57 61.87
N VAL C 164 -41.39 17.59 61.83
CA VAL C 164 -40.63 18.82 61.52
C VAL C 164 -39.87 18.72 60.21
N LEU C 165 -40.08 19.67 59.31
CA LEU C 165 -39.33 19.60 58.06
C LEU C 165 -38.25 20.67 58.02
N ASN C 166 -37.02 20.24 57.82
CA ASN C 166 -35.91 21.18 57.75
C ASN C 166 -35.20 21.14 56.42
N SER C 167 -34.89 22.33 55.93
CA SER C 167 -34.19 22.47 54.70
C SER C 167 -33.14 23.57 54.88
N TRP C 168 -31.91 23.32 54.41
CA TRP C 168 -30.81 24.29 54.47
C TRP C 168 -30.39 24.72 53.06
N THR C 169 -30.02 25.98 52.88
CA THR C 169 -29.57 26.43 51.56
C THR C 169 -28.10 26.08 51.44
N ASP C 170 -27.55 26.31 50.27
CA ASP C 170 -26.12 26.13 50.10
C ASP C 170 -25.52 27.46 50.57
N GLN C 171 -24.21 27.49 50.72
CA GLN C 171 -23.55 28.71 51.17
C GLN C 171 -23.81 29.88 50.21
N ASN C 172 -24.21 31.02 50.77
CA ASN C 172 -24.52 32.18 49.94
C ASN C 172 -23.27 32.90 49.46
N SER C 173 -23.05 32.86 48.15
CA SER C 173 -21.91 33.50 47.52
C SER C 173 -21.81 35.02 47.63
N LYS C 174 -22.83 35.69 48.17
CA LYS C 174 -22.75 37.14 48.30
C LYS C 174 -22.17 37.58 49.66
N ASP C 175 -22.65 36.99 50.76
CA ASP C 175 -22.13 37.34 52.08
C ASP C 175 -21.61 36.10 52.82
N SER C 176 -21.38 35.05 52.05
CA SER C 176 -20.88 33.78 52.58
C SER C 176 -21.61 33.06 53.72
N THR C 177 -22.90 33.36 53.96
CA THR C 177 -23.66 32.70 55.04
C THR C 177 -24.59 31.57 54.63
N TYR C 178 -25.31 31.05 55.61
CA TYR C 178 -26.26 29.96 55.38
C TYR C 178 -27.61 30.35 55.94
N SER C 179 -28.64 29.72 55.38
CA SER C 179 -29.99 29.94 55.84
C SER C 179 -30.67 28.58 55.97
N MET C 180 -31.69 28.54 56.81
CA MET C 180 -32.39 27.30 57.02
C MET C 180 -33.85 27.59 57.25
N SER C 181 -34.69 26.68 56.81
CA SER C 181 -36.12 26.80 56.99
C SER C 181 -36.56 25.61 57.86
N SER C 182 -37.46 25.83 58.81
CA SER C 182 -37.96 24.71 59.62
C SER C 182 -39.49 24.78 59.69
N THR C 183 -40.17 23.74 59.23
CA THR C 183 -41.64 23.74 59.21
C THR C 183 -42.27 22.66 60.07
N LEU C 184 -43.20 23.07 60.89
CA LEU C 184 -43.91 22.15 61.76
C LEU C 184 -45.28 22.09 61.11
N THR C 185 -45.68 20.91 60.63
CA THR C 185 -46.95 20.75 59.97
C THR C 185 -47.99 20.01 60.85
N LEU C 186 -49.17 20.59 61.01
CA LEU C 186 -50.18 19.95 61.82
C LEU C 186 -51.49 20.08 61.13
N THR C 187 -52.50 19.41 61.65
CA THR C 187 -53.86 19.59 61.13
C THR C 187 -54.33 20.77 61.99
N LYS C 188 -55.36 21.44 61.56
CA LYS C 188 -55.90 22.56 62.27
C LYS C 188 -56.48 22.11 63.62
N ASP C 189 -56.95 20.85 63.68
CA ASP C 189 -57.50 20.25 64.89
C ASP C 189 -56.39 20.18 65.94
N GLU C 190 -55.22 19.77 65.45
CA GLU C 190 -54.03 19.63 66.26
C GLU C 190 -53.54 21.04 66.65
N TYR C 191 -53.27 21.87 65.63
CA TYR C 191 -52.82 23.20 65.88
C TYR C 191 -53.63 23.92 66.95
N GLU C 192 -54.95 23.78 66.90
CA GLU C 192 -55.82 24.49 67.87
C GLU C 192 -55.93 23.99 69.30
N ARG C 193 -55.31 22.86 69.60
CA ARG C 193 -55.32 22.28 70.93
C ARG C 193 -54.21 22.85 71.81
N HIS C 194 -53.42 23.77 71.25
CA HIS C 194 -52.27 24.37 71.92
C HIS C 194 -52.28 25.90 71.73
N ASN C 195 -51.64 26.66 72.63
CA ASN C 195 -51.63 28.12 72.55
C ASN C 195 -50.30 28.75 72.15
N SER C 196 -49.24 28.14 72.63
CA SER C 196 -47.91 28.69 72.41
C SER C 196 -47.07 27.86 71.43
N TYR C 197 -46.42 28.56 70.49
CA TYR C 197 -45.56 27.90 69.48
C TYR C 197 -44.20 28.58 69.46
N THR C 198 -43.17 27.81 69.72
CA THR C 198 -41.85 28.39 69.78
C THR C 198 -40.79 27.67 68.97
N CYS C 199 -40.04 28.48 68.24
CA CYS C 199 -38.95 28.00 67.45
C CYS C 199 -37.67 28.47 68.15
N GLU C 200 -36.88 27.54 68.66
CA GLU C 200 -35.66 28.00 69.27
C GLU C 200 -34.42 27.28 68.75
N ALA C 201 -33.41 28.08 68.43
CA ALA C 201 -32.16 27.57 67.91
C ALA C 201 -30.99 27.76 68.88
N THR C 202 -29.98 26.93 68.72
CA THR C 202 -28.78 27.05 69.52
C THR C 202 -27.68 27.11 68.49
N HIS C 203 -26.94 28.21 68.50
CA HIS C 203 -25.85 28.44 67.56
C HIS C 203 -24.57 28.82 68.33
N LYS C 204 -23.44 28.56 67.71
CA LYS C 204 -22.17 28.89 68.33
C LYS C 204 -22.02 30.36 68.67
N THR C 205 -22.85 31.23 68.10
CA THR C 205 -22.71 32.67 68.37
C THR C 205 -23.36 33.17 69.64
N SER C 206 -24.11 32.32 70.33
CA SER C 206 -24.74 32.77 71.56
C SER C 206 -24.81 31.65 72.56
N THR C 207 -24.57 32.03 73.81
CA THR C 207 -24.56 31.11 74.94
C THR C 207 -26.00 30.69 75.25
N SER C 208 -26.93 31.59 74.97
CA SER C 208 -28.35 31.36 75.19
C SER C 208 -29.06 31.24 73.83
N PRO C 209 -30.06 30.34 73.73
CA PRO C 209 -30.82 30.13 72.49
C PRO C 209 -31.58 31.36 71.99
N ILE C 210 -31.62 31.52 70.66
CA ILE C 210 -32.35 32.63 70.08
C ILE C 210 -33.77 32.07 70.01
N VAL C 211 -34.72 32.87 70.46
CA VAL C 211 -36.08 32.43 70.48
C VAL C 211 -37.05 33.38 69.81
N LYS C 212 -38.04 32.80 69.14
CA LYS C 212 -39.13 33.52 68.50
C LYS C 212 -40.32 32.65 68.77
N SER C 213 -41.43 33.27 69.11
CA SER C 213 -42.61 32.50 69.41
C SER C 213 -43.86 33.35 69.29
N PHE C 214 -45.02 32.72 69.37
CA PHE C 214 -46.26 33.47 69.27
C PHE C 214 -47.34 32.66 69.93
N ASN C 215 -48.47 33.31 70.19
CA ASN C 215 -49.61 32.67 70.81
C ASN C 215 -50.73 32.66 69.82
N ARG C 216 -51.34 31.50 69.65
CA ARG C 216 -52.42 31.29 68.71
C ARG C 216 -53.43 32.44 68.72
N ASN C 217 -53.97 32.70 69.92
CA ASN C 217 -54.98 33.73 70.11
C ASN C 217 -54.49 35.17 69.95
N GLU C 218 -53.30 35.45 70.48
CA GLU C 218 -52.70 36.79 70.44
C GLU C 218 -53.26 37.56 69.25
N CYS C 219 -53.23 36.92 68.10
CA CYS C 219 -53.73 37.47 66.86
C CYS C 219 -55.25 37.63 66.98
N GLU D 1 -21.72 32.45 21.86
CA GLU D 1 -23.00 32.13 22.61
C GLU D 1 -23.43 30.69 22.36
N VAL D 2 -22.82 29.74 23.06
CA VAL D 2 -23.12 28.33 22.89
C VAL D 2 -24.12 27.79 23.90
N LYS D 3 -25.03 26.91 23.46
CA LYS D 3 -25.99 26.34 24.38
C LYS D 3 -26.53 24.99 23.97
N LEU D 4 -26.85 24.19 24.97
CA LEU D 4 -27.42 22.87 24.76
C LEU D 4 -28.73 22.89 25.49
N ASP D 5 -29.82 22.60 24.78
CA ASP D 5 -31.15 22.59 25.41
C ASP D 5 -31.73 21.21 25.43
N GLU D 6 -31.87 20.67 26.63
CA GLU D 6 -32.42 19.35 26.70
C GLU D 6 -33.86 19.47 27.11
N THR D 7 -34.69 18.60 26.54
CA THR D 7 -36.10 18.59 26.86
C THR D 7 -36.53 17.16 26.86
N GLY D 8 -37.72 16.92 27.42
CA GLY D 8 -38.28 15.58 27.47
C GLY D 8 -38.28 14.96 28.83
N GLY D 9 -37.76 15.67 29.83
CA GLY D 9 -37.73 15.09 31.17
C GLY D 9 -39.10 15.20 31.81
N GLY D 10 -39.28 14.68 33.01
CA GLY D 10 -40.58 14.79 33.65
C GLY D 10 -40.82 13.55 34.45
N LEU D 11 -42.08 13.26 34.76
CA LEU D 11 -42.43 12.10 35.57
C LEU D 11 -42.74 10.88 34.68
N VAL D 12 -42.31 9.70 35.10
CA VAL D 12 -42.58 8.50 34.33
C VAL D 12 -42.75 7.30 35.26
N GLN D 13 -43.65 6.38 34.93
CA GLN D 13 -43.85 5.21 35.79
C GLN D 13 -42.77 4.15 35.58
N PRO D 14 -42.41 3.42 36.65
CA PRO D 14 -41.38 2.38 36.53
C PRO D 14 -41.79 1.46 35.40
N GLY D 15 -40.85 1.07 34.53
CA GLY D 15 -41.19 0.20 33.44
C GLY D 15 -41.51 0.89 32.13
N ARG D 16 -42.01 2.12 32.15
CA ARG D 16 -42.35 2.85 30.93
C ARG D 16 -41.14 3.54 30.24
N PRO D 17 -41.34 4.07 29.03
CA PRO D 17 -40.25 4.73 28.31
C PRO D 17 -40.32 6.24 28.38
N MET D 18 -39.24 6.87 27.93
CA MET D 18 -39.15 8.31 27.92
C MET D 18 -38.06 8.67 26.90
N LYS D 19 -38.24 9.78 26.22
CA LYS D 19 -37.29 10.21 25.22
C LYS D 19 -36.77 11.57 25.55
N LEU D 20 -35.45 11.68 25.66
CA LEU D 20 -34.79 12.96 25.96
C LEU D 20 -34.20 13.53 24.65
N SER D 21 -34.28 14.84 24.48
CA SER D 21 -33.73 15.47 23.28
C SER D 21 -32.86 16.64 23.63
N CYS D 22 -31.82 16.84 22.84
CA CYS D 22 -30.93 17.97 23.06
C CYS D 22 -30.63 18.67 21.72
N VAL D 23 -30.76 20.00 21.73
CA VAL D 23 -30.53 20.81 20.54
C VAL D 23 -29.34 21.73 20.78
N ALA D 24 -28.36 21.61 19.90
CA ALA D 24 -27.14 22.35 20.05
C ALA D 24 -27.08 23.55 19.15
N SER D 25 -26.53 24.64 19.68
CA SER D 25 -26.37 25.85 18.91
C SER D 25 -25.12 26.62 19.40
N GLY D 26 -24.45 27.30 18.47
CA GLY D 26 -23.31 28.12 18.86
C GLY D 26 -21.91 27.60 18.64
N PHE D 27 -21.77 26.36 18.18
CA PHE D 27 -20.44 25.79 17.93
C PHE D 27 -20.58 24.75 16.81
N THR D 28 -19.46 24.31 16.26
CA THR D 28 -19.50 23.36 15.18
C THR D 28 -19.84 21.94 15.68
N PHE D 29 -21.13 21.67 15.74
CA PHE D 29 -21.67 20.39 16.21
C PHE D 29 -20.97 19.17 15.69
N SER D 30 -20.63 19.20 14.40
CA SER D 30 -20.01 18.04 13.81
C SER D 30 -18.63 17.66 14.42
N ASP D 31 -17.99 18.64 15.07
CA ASP D 31 -16.68 18.48 15.67
C ASP D 31 -16.68 17.83 17.07
N TYR D 32 -17.85 17.50 17.59
CA TYR D 32 -17.96 16.96 18.94
C TYR D 32 -18.54 15.59 19.18
N TRP D 33 -18.00 14.96 20.22
CA TRP D 33 -18.54 13.67 20.67
C TRP D 33 -19.68 14.08 21.65
N MET D 34 -20.88 13.52 21.48
CA MET D 34 -22.00 13.87 22.37
C MET D 34 -22.14 12.84 23.50
N ASN D 35 -22.40 13.32 24.71
CA ASN D 35 -22.58 12.44 25.87
C ASN D 35 -23.75 12.92 26.76
N TRP D 36 -24.44 11.96 27.35
CA TRP D 36 -25.47 12.24 28.32
C TRP D 36 -24.80 11.80 29.68
N VAL D 37 -24.88 12.66 30.68
CA VAL D 37 -24.37 12.46 32.02
C VAL D 37 -25.51 12.73 33.02
N ARG D 38 -25.78 11.83 33.94
CA ARG D 38 -26.83 12.06 34.94
C ARG D 38 -26.21 12.28 36.33
N GLN D 39 -26.93 12.95 37.19
CA GLN D 39 -26.46 13.23 38.52
C GLN D 39 -27.60 12.90 39.48
N SER D 40 -27.27 12.34 40.64
CA SER D 40 -28.24 12.00 41.66
C SER D 40 -27.49 12.02 42.97
N PRO D 41 -28.21 12.18 44.07
CA PRO D 41 -27.44 12.19 45.33
C PRO D 41 -26.83 10.81 45.67
N GLU D 42 -27.34 9.74 45.09
CA GLU D 42 -26.77 8.41 45.38
C GLU D 42 -25.43 8.14 44.72
N LYS D 43 -25.32 8.43 43.43
CA LYS D 43 -24.07 8.16 42.74
C LYS D 43 -23.25 9.37 42.35
N GLY D 44 -23.78 10.57 42.43
CA GLY D 44 -22.97 11.69 41.99
C GLY D 44 -23.10 11.83 40.47
N LEU D 45 -22.02 12.15 39.77
CA LEU D 45 -22.06 12.33 38.32
C LEU D 45 -21.78 11.01 37.63
N GLU D 46 -22.74 10.56 36.86
CA GLU D 46 -22.62 9.27 36.20
C GLU D 46 -22.74 9.37 34.67
N TRP D 47 -21.69 9.02 33.94
CA TRP D 47 -21.71 9.03 32.48
C TRP D 47 -22.61 7.86 32.03
N VAL D 48 -23.46 8.04 31.01
CA VAL D 48 -24.33 6.91 30.59
C VAL D 48 -24.24 6.54 29.13
N ALA D 49 -24.21 7.52 28.24
CA ALA D 49 -24.10 7.16 26.83
C ALA D 49 -23.28 8.18 26.08
N GLN D 50 -22.71 7.72 24.97
CA GLN D 50 -21.85 8.55 24.13
C GLN D 50 -22.01 8.24 22.67
N ILE D 51 -22.06 9.27 21.82
CA ILE D 51 -22.09 9.04 20.38
C ILE D 51 -21.04 9.96 19.77
N ARG D 52 -20.08 9.36 19.10
CA ARG D 52 -18.99 10.12 18.50
C ARG D 52 -19.43 10.75 17.16
N ASN D 53 -18.59 11.65 16.64
CA ASN D 53 -18.89 12.29 15.38
C ASN D 53 -18.57 11.42 14.13
N LYS D 54 -18.60 12.05 12.96
CA LYS D 54 -18.38 11.40 11.65
C LYS D 54 -17.01 10.75 11.37
N PRO D 55 -15.90 11.38 11.81
CA PRO D 55 -14.58 10.78 11.59
C PRO D 55 -14.54 9.42 12.28
N TYR D 56 -15.31 9.31 13.37
CA TYR D 56 -15.38 8.07 14.14
C TYR D 56 -16.54 7.14 13.84
N ASN D 57 -17.23 7.39 12.73
CA ASN D 57 -18.36 6.56 12.31
C ASN D 57 -19.54 6.57 13.24
N TYR D 58 -19.73 7.67 13.97
CA TYR D 58 -20.86 7.80 14.89
C TYR D 58 -21.01 6.64 15.88
N GLU D 59 -19.88 6.04 16.26
CA GLU D 59 -19.88 4.93 17.22
C GLU D 59 -20.47 5.33 18.56
N THR D 60 -21.23 4.41 19.15
CA THR D 60 -21.88 4.62 20.41
C THR D 60 -21.39 3.65 21.50
N TYR D 61 -21.34 4.19 22.72
CA TYR D 61 -20.93 3.48 23.93
C TYR D 61 -21.95 3.82 25.04
N TYR D 62 -22.23 2.84 25.89
CA TYR D 62 -23.20 2.96 26.97
C TYR D 62 -22.61 2.40 28.27
N SER D 63 -23.17 2.77 29.42
CA SER D 63 -22.74 2.26 30.75
C SER D 63 -23.33 0.87 30.81
N ASP D 64 -22.71 0.00 31.59
CA ASP D 64 -23.27 -1.34 31.76
C ASP D 64 -24.67 -1.21 32.34
N SER D 65 -24.87 -0.24 33.23
CA SER D 65 -26.19 -0.13 33.84
C SER D 65 -27.35 0.19 32.91
N VAL D 66 -27.06 0.73 31.73
CA VAL D 66 -28.14 1.08 30.81
C VAL D 66 -28.07 0.37 29.44
N LYS D 67 -27.01 -0.41 29.21
CA LYS D 67 -26.84 -1.10 27.92
C LYS D 67 -28.06 -1.95 27.61
N GLY D 68 -28.58 -1.80 26.40
CA GLY D 68 -29.74 -2.58 26.04
C GLY D 68 -31.07 -2.00 26.48
N ARG D 69 -31.05 -0.84 27.16
CA ARG D 69 -32.29 -0.19 27.60
C ARG D 69 -32.31 1.22 27.05
N PHE D 70 -31.16 1.87 27.02
CA PHE D 70 -31.06 3.23 26.51
C PHE D 70 -30.45 3.20 25.11
N THR D 71 -30.94 4.08 24.24
CA THR D 71 -30.42 4.18 22.87
C THR D 71 -30.10 5.61 22.54
N ILE D 72 -28.85 5.91 22.19
CA ILE D 72 -28.50 7.28 21.87
C ILE D 72 -28.40 7.42 20.35
N SER D 73 -28.85 8.53 19.82
CA SER D 73 -28.80 8.72 18.39
C SER D 73 -28.44 10.15 18.10
N ARG D 74 -27.98 10.37 16.87
CA ARG D 74 -27.50 11.67 16.48
C ARG D 74 -27.91 12.07 15.05
N ASP D 75 -28.16 13.37 14.88
CA ASP D 75 -28.57 13.93 13.62
C ASP D 75 -27.83 15.24 13.37
N ASP D 76 -26.69 15.18 12.66
CA ASP D 76 -25.88 16.39 12.36
C ASP D 76 -26.66 17.42 11.57
N SER D 77 -27.57 16.96 10.71
CA SER D 77 -28.36 17.89 9.93
C SER D 77 -29.18 18.79 10.87
N LYS D 78 -29.62 18.25 12.00
CA LYS D 78 -30.41 19.01 12.98
C LYS D 78 -29.65 19.49 14.22
N SER D 79 -28.38 19.07 14.36
CA SER D 79 -27.60 19.47 15.52
C SER D 79 -28.30 19.01 16.80
N SER D 80 -28.77 17.77 16.75
CA SER D 80 -29.50 17.21 17.86
C SER D 80 -29.02 15.82 18.21
N VAL D 81 -29.13 15.52 19.49
CA VAL D 81 -28.77 14.20 20.02
C VAL D 81 -30.01 13.75 20.79
N TYR D 82 -30.27 12.46 20.80
CA TYR D 82 -31.43 11.98 21.51
C TYR D 82 -31.09 10.83 22.45
N LEU D 83 -31.85 10.70 23.53
CA LEU D 83 -31.62 9.57 24.41
C LEU D 83 -32.98 8.87 24.60
N GLN D 84 -33.12 7.75 23.94
CA GLN D 84 -34.36 7.00 24.07
C GLN D 84 -34.10 6.08 25.24
N MET D 85 -34.93 6.19 26.28
CA MET D 85 -34.78 5.38 27.48
C MET D 85 -35.99 4.48 27.58
N ASN D 86 -35.73 3.20 27.74
CA ASN D 86 -36.80 2.24 27.88
C ASN D 86 -36.70 1.55 29.21
N ASN D 87 -37.80 0.87 29.58
CA ASN D 87 -37.90 0.10 30.81
C ASN D 87 -37.17 0.75 31.99
N LEU D 88 -37.51 2.01 32.25
CA LEU D 88 -36.91 2.83 33.30
C LEU D 88 -37.10 2.27 34.73
N ARG D 89 -36.12 2.54 35.58
CA ARG D 89 -36.19 2.11 36.96
C ARG D 89 -35.96 3.28 37.92
N ALA D 90 -36.24 3.03 39.20
CA ALA D 90 -36.05 4.03 40.22
C ALA D 90 -34.60 4.50 40.21
N GLU D 91 -33.68 3.60 39.87
CA GLU D 91 -32.26 3.92 39.84
C GLU D 91 -31.85 4.88 38.74
N ASP D 92 -32.71 5.03 37.73
CA ASP D 92 -32.43 5.94 36.63
C ASP D 92 -32.86 7.34 37.00
N MET D 93 -33.40 7.51 38.18
CA MET D 93 -33.87 8.81 38.53
C MET D 93 -32.73 9.83 38.68
N GLY D 94 -32.95 11.04 38.17
CA GLY D 94 -31.93 12.05 38.30
C GLY D 94 -31.99 13.19 37.32
N ILE D 95 -30.92 13.98 37.32
CA ILE D 95 -30.83 15.08 36.38
C ILE D 95 -29.97 14.64 35.21
N TYR D 96 -30.50 14.72 33.99
CA TYR D 96 -29.76 14.30 32.82
C TYR D 96 -29.24 15.51 32.11
N TYR D 97 -27.94 15.52 31.89
CA TYR D 97 -27.28 16.63 31.22
C TYR D 97 -26.76 16.20 29.87
N CYS D 98 -26.97 17.09 28.90
CA CYS D 98 -26.49 16.86 27.57
C CYS D 98 -25.12 17.55 27.53
N THR D 99 -24.13 16.85 26.98
CA THR D 99 -22.80 17.42 26.90
C THR D 99 -22.12 17.15 25.58
N SER D 100 -21.24 18.07 25.23
CA SER D 100 -20.46 17.94 24.00
C SER D 100 -18.99 18.08 24.35
N TYR D 101 -18.22 17.09 23.94
CA TYR D 101 -16.79 17.09 24.18
C TYR D 101 -16.03 17.22 22.89
N GLY D 102 -15.23 18.28 22.84
CA GLY D 102 -14.44 18.54 21.65
C GLY D 102 -12.95 18.41 21.85
N TYR D 103 -12.20 19.11 21.00
CA TYR D 103 -10.76 19.09 21.03
C TYR D 103 -10.24 20.24 21.90
N HIS D 104 -10.94 21.36 21.83
CA HIS D 104 -10.58 22.57 22.55
C HIS D 104 -11.39 22.77 23.85
N GLY D 105 -12.47 22.00 24.01
CA GLY D 105 -13.28 22.16 25.19
C GLY D 105 -14.50 21.27 25.27
N ALA D 106 -15.39 21.65 26.19
CA ALA D 106 -16.61 20.89 26.42
C ALA D 106 -17.65 21.81 27.02
N TYR D 107 -18.93 21.53 26.72
CA TYR D 107 -20.10 22.31 27.18
C TYR D 107 -21.15 21.39 27.73
N TRP D 108 -21.89 21.89 28.74
CA TRP D 108 -22.94 21.12 29.42
C TRP D 108 -24.29 21.82 29.36
N GLY D 109 -25.40 21.08 29.20
CA GLY D 109 -26.70 21.72 29.17
C GLY D 109 -27.14 22.15 30.59
N GLN D 110 -28.36 22.66 30.78
CA GLN D 110 -28.78 23.06 32.14
C GLN D 110 -29.33 21.84 32.83
N GLY D 111 -29.51 20.77 32.06
CA GLY D 111 -30.00 19.53 32.63
C GLY D 111 -31.48 19.45 32.81
N THR D 112 -31.98 18.24 32.84
CA THR D 112 -33.41 18.06 33.01
C THR D 112 -33.70 16.94 33.98
N LEU D 113 -34.68 17.17 34.84
CA LEU D 113 -35.05 16.20 35.86
C LEU D 113 -35.94 15.06 35.42
N VAL D 114 -35.52 13.84 35.69
CA VAL D 114 -36.29 12.67 35.33
C VAL D 114 -36.69 11.95 36.62
N THR D 115 -37.99 11.90 36.88
CA THR D 115 -38.54 11.25 38.06
C THR D 115 -39.26 9.96 37.67
N VAL D 116 -38.83 8.85 38.27
CA VAL D 116 -39.38 7.50 38.04
C VAL D 116 -40.12 7.09 39.31
N SER D 117 -41.45 7.16 39.25
CA SER D 117 -42.29 6.84 40.41
C SER D 117 -43.74 6.54 39.99
N ALA D 118 -44.43 5.74 40.82
CA ALA D 118 -45.83 5.39 40.52
C ALA D 118 -46.81 6.38 41.15
N ALA D 119 -46.27 7.37 41.87
CA ALA D 119 -47.09 8.39 42.54
C ALA D 119 -47.71 9.30 41.49
N LYS D 120 -48.84 9.92 41.81
CA LYS D 120 -49.49 10.76 40.83
C LYS D 120 -49.18 12.22 41.03
N THR D 121 -49.14 12.96 39.93
CA THR D 121 -48.87 14.39 39.96
C THR D 121 -49.88 15.09 40.88
N THR D 122 -49.38 15.89 41.82
CA THR D 122 -50.25 16.60 42.74
C THR D 122 -49.93 18.09 42.63
N ALA D 123 -50.94 18.92 42.38
CA ALA D 123 -50.70 20.36 42.28
C ALA D 123 -50.28 20.93 43.66
N PRO D 124 -49.51 22.04 43.67
CA PRO D 124 -49.14 22.53 45.00
C PRO D 124 -50.16 23.49 45.59
N SER D 125 -50.02 23.75 46.88
CA SER D 125 -50.88 24.68 47.59
C SER D 125 -49.97 25.81 48.00
N VAL D 126 -50.22 27.01 47.48
CA VAL D 126 -49.34 28.11 47.78
C VAL D 126 -49.84 29.03 48.86
N TYR D 127 -49.10 29.12 49.95
CA TYR D 127 -49.54 29.98 51.04
C TYR D 127 -48.57 31.09 51.39
N PRO D 128 -49.10 32.30 51.60
CA PRO D 128 -48.25 33.45 51.94
C PRO D 128 -47.90 33.46 53.41
N LEU D 129 -46.66 33.87 53.70
CA LEU D 129 -46.19 33.99 55.06
C LEU D 129 -46.01 35.49 55.33
N ALA D 130 -46.90 36.09 56.11
CA ALA D 130 -46.79 37.51 56.44
C ALA D 130 -46.46 37.64 57.92
N PRO D 131 -45.83 38.78 58.32
CA PRO D 131 -45.38 39.13 59.69
C PRO D 131 -46.36 39.02 60.86
N GLY D 132 -45.80 38.69 62.03
CA GLY D 132 -46.56 38.54 63.26
C GLY D 132 -46.96 39.87 63.87
N THR D 133 -48.05 39.85 64.65
CA THR D 133 -48.63 41.05 65.27
C THR D 133 -48.92 41.99 64.07
N ALA D 134 -49.06 43.29 64.29
CA ALA D 134 -49.30 44.21 63.17
C ALA D 134 -47.95 44.45 62.50
N ALA D 135 -46.91 44.55 63.35
CA ALA D 135 -45.54 44.77 62.88
C ALA D 135 -44.50 44.68 64.01
N LEU D 136 -43.72 43.61 64.00
CA LEU D 136 -42.65 43.42 64.98
C LEU D 136 -41.35 43.70 64.20
N LYS D 137 -41.39 43.37 62.90
CA LYS D 137 -40.25 43.59 62.00
C LYS D 137 -40.06 45.08 61.90
N SER D 138 -39.01 45.58 62.58
CA SER D 138 -38.72 47.00 62.61
C SER D 138 -37.78 47.45 61.49
N SER D 139 -36.48 47.28 61.68
CA SER D 139 -35.55 47.71 60.64
C SER D 139 -35.89 47.12 59.27
N MET D 140 -35.86 45.80 59.13
CA MET D 140 -36.17 45.11 57.86
C MET D 140 -37.25 44.06 58.09
N VAL D 141 -37.96 43.67 57.02
CA VAL D 141 -39.04 42.66 57.11
C VAL D 141 -38.78 41.40 56.26
N THR D 142 -39.11 40.25 56.84
CA THR D 142 -38.98 38.98 56.13
C THR D 142 -40.39 38.46 55.85
N LEU D 143 -40.65 38.12 54.60
CA LEU D 143 -41.94 37.60 54.17
C LEU D 143 -41.66 36.23 53.51
N GLY D 144 -42.65 35.35 53.43
CA GLY D 144 -42.35 34.08 52.81
C GLY D 144 -43.47 33.54 51.94
N CYS D 145 -43.20 32.42 51.33
CA CYS D 145 -44.17 31.79 50.49
C CYS D 145 -43.98 30.29 50.79
N LEU D 146 -45.06 29.59 51.17
CA LEU D 146 -45.03 28.16 51.46
C LEU D 146 -45.68 27.42 50.28
N VAL D 147 -44.90 26.56 49.62
CA VAL D 147 -45.41 25.80 48.49
C VAL D 147 -45.53 24.38 49.04
N LYS D 148 -46.73 24.02 49.46
CA LYS D 148 -47.00 22.73 50.10
C LYS D 148 -47.62 21.56 49.33
N GLY D 149 -47.12 20.36 49.59
CA GLY D 149 -47.68 19.14 49.02
C GLY D 149 -47.78 19.00 47.52
N TYR D 150 -46.66 18.90 46.81
CA TYR D 150 -46.75 18.77 45.39
C TYR D 150 -45.89 17.60 44.94
N PHE D 151 -46.09 17.24 43.69
CA PHE D 151 -45.34 16.16 43.08
C PHE D 151 -45.62 16.15 41.56
N PRO D 152 -44.59 15.94 40.72
CA PRO D 152 -43.23 15.73 41.18
C PRO D 152 -42.48 17.09 41.20
N GLU D 153 -41.16 17.02 41.27
CA GLU D 153 -40.33 18.21 41.19
C GLU D 153 -40.18 18.43 39.69
N PRO D 154 -39.80 19.63 39.27
CA PRO D 154 -39.49 20.76 40.13
C PRO D 154 -40.62 21.77 40.13
N VAL D 155 -40.45 22.80 40.95
CA VAL D 155 -41.43 23.87 41.09
C VAL D 155 -40.56 25.11 40.87
N THR D 156 -41.13 26.20 40.37
CA THR D 156 -40.29 27.37 40.18
C THR D 156 -40.86 28.57 40.93
N VAL D 157 -40.07 29.14 41.83
CA VAL D 157 -40.48 30.31 42.64
C VAL D 157 -39.65 31.57 42.33
N THR D 158 -40.33 32.68 42.09
CA THR D 158 -39.66 33.96 41.84
C THR D 158 -40.49 34.95 42.63
N TRP D 159 -39.95 36.15 42.84
CA TRP D 159 -40.70 37.18 43.55
C TRP D 159 -40.89 38.40 42.62
N ASN D 160 -42.10 38.92 42.61
CA ASN D 160 -42.42 40.05 41.76
C ASN D 160 -42.05 39.82 40.31
N SER D 161 -42.50 38.68 39.79
CA SER D 161 -42.29 38.28 38.42
C SER D 161 -40.84 38.15 38.02
N GLY D 162 -39.95 38.35 38.99
CA GLY D 162 -38.53 38.25 38.73
C GLY D 162 -37.83 39.55 39.03
N SER D 163 -38.58 40.63 39.25
CA SER D 163 -37.99 41.94 39.55
C SER D 163 -37.45 41.98 40.97
N LEU D 164 -37.38 40.84 41.62
CA LEU D 164 -36.86 40.80 42.96
C LEU D 164 -36.09 39.52 43.22
N SER D 165 -34.82 39.65 43.57
CA SER D 165 -34.01 38.47 43.83
C SER D 165 -33.04 38.74 44.97
N SER D 166 -32.82 40.02 45.24
CA SER D 166 -31.92 40.39 46.32
C SER D 166 -32.56 40.13 47.68
N GLY D 167 -31.87 39.34 48.50
CA GLY D 167 -32.37 39.00 49.82
C GLY D 167 -33.37 37.86 49.76
N VAL D 168 -33.33 37.14 48.65
CA VAL D 168 -34.23 36.03 48.38
C VAL D 168 -33.64 34.66 48.68
N HIS D 169 -34.34 33.91 49.52
CA HIS D 169 -33.89 32.55 49.84
C HIS D 169 -34.90 31.45 49.50
N THR D 170 -34.56 30.61 48.54
CA THR D 170 -35.46 29.53 48.19
C THR D 170 -34.81 28.22 48.63
N PHE D 171 -35.46 27.57 49.59
CA PHE D 171 -34.99 26.33 50.18
C PHE D 171 -35.25 25.05 49.40
N PRO D 172 -34.25 24.18 49.35
CA PRO D 172 -34.46 22.95 48.61
C PRO D 172 -35.66 22.16 49.12
N ALA D 173 -36.41 21.57 48.20
CA ALA D 173 -37.59 20.80 48.57
C ALA D 173 -37.29 19.55 49.41
N VAL D 174 -38.17 19.26 50.37
CA VAL D 174 -38.05 18.09 51.24
C VAL D 174 -39.26 17.13 51.03
N LEU D 175 -38.98 15.87 50.72
CA LEU D 175 -40.04 14.92 50.45
C LEU D 175 -40.66 14.46 51.76
N GLN D 176 -41.94 14.11 51.71
CA GLN D 176 -42.66 13.64 52.90
C GLN D 176 -44.06 13.17 52.50
N SER D 177 -44.28 11.86 52.62
CA SER D 177 -45.57 11.24 52.32
C SER D 177 -45.77 11.26 50.84
N ALA D 178 -44.67 11.17 50.11
CA ALA D 178 -44.69 11.19 48.66
C ALA D 178 -45.12 12.56 48.16
N LEU D 179 -44.86 13.59 48.97
CA LEU D 179 -45.19 14.96 48.59
C LEU D 179 -44.06 15.87 49.02
N TYR D 180 -43.73 16.84 48.18
CA TYR D 180 -42.66 17.78 48.45
C TYR D 180 -43.29 19.02 49.03
N THR D 181 -42.53 19.75 49.83
CA THR D 181 -42.99 21.00 50.42
C THR D 181 -41.75 21.87 50.35
N LEU D 182 -41.91 23.13 49.97
CA LEU D 182 -40.74 23.98 49.79
C LEU D 182 -41.08 25.35 50.30
N THR D 183 -40.08 26.17 50.59
CA THR D 183 -40.40 27.51 51.06
C THR D 183 -39.46 28.51 50.52
N SER D 184 -39.92 29.75 50.41
CA SER D 184 -39.07 30.82 49.91
C SER D 184 -39.23 32.00 50.81
N SER D 185 -38.09 32.57 51.15
CA SER D 185 -37.99 33.71 52.03
C SER D 185 -37.53 34.95 51.25
N VAL D 186 -38.03 36.12 51.66
CA VAL D 186 -37.62 37.34 51.01
C VAL D 186 -37.48 38.45 52.05
N THR D 187 -36.33 39.11 52.05
CA THR D 187 -36.08 40.17 53.03
C THR D 187 -36.04 41.56 52.43
N VAL D 188 -36.93 42.42 52.90
CA VAL D 188 -36.96 43.79 52.42
C VAL D 188 -37.01 44.82 53.54
N PRO D 189 -36.57 46.05 53.24
CA PRO D 189 -36.60 47.08 54.28
C PRO D 189 -38.06 47.44 54.52
N SER D 190 -38.37 47.90 55.72
CA SER D 190 -39.77 48.19 56.04
C SER D 190 -40.42 49.37 55.32
N SER D 191 -39.61 50.27 54.78
CA SER D 191 -40.14 51.43 54.07
C SER D 191 -40.73 51.01 52.74
N SER D 192 -40.37 49.82 52.28
CA SER D 192 -40.86 49.35 51.01
C SER D 192 -42.09 48.43 51.09
N TRP D 193 -42.37 47.90 52.27
CA TRP D 193 -43.51 47.02 52.41
C TRP D 193 -44.31 47.48 53.60
N PRO D 194 -45.66 47.53 53.48
CA PRO D 194 -46.50 47.18 52.33
C PRO D 194 -46.52 48.22 51.21
N SER D 195 -45.91 49.38 51.46
CA SER D 195 -45.83 50.49 50.51
C SER D 195 -45.84 49.98 49.05
N GLN D 196 -44.99 49.00 48.81
CA GLN D 196 -44.84 48.36 47.52
C GLN D 196 -45.39 46.92 47.56
N THR D 197 -45.89 46.46 46.44
CA THR D 197 -46.45 45.13 46.32
C THR D 197 -45.39 44.00 46.28
N VAL D 198 -45.62 42.94 47.05
CA VAL D 198 -44.72 41.81 47.04
C VAL D 198 -45.57 40.60 46.71
N THR D 199 -45.18 39.83 45.72
CA THR D 199 -45.97 38.66 45.38
C THR D 199 -45.09 37.54 44.86
N CYS D 200 -45.20 36.36 45.48
CA CYS D 200 -44.40 35.26 44.97
C CYS D 200 -45.19 34.66 43.84
N ASN D 201 -44.47 34.15 42.85
CA ASN D 201 -45.09 33.53 41.71
C ASN D 201 -44.55 32.12 41.71
N VAL D 202 -45.45 31.14 41.78
CA VAL D 202 -45.02 29.77 41.80
C VAL D 202 -45.50 29.07 40.53
N ALA D 203 -44.63 28.27 39.93
CA ALA D 203 -45.00 27.54 38.73
C ALA D 203 -44.70 26.05 38.87
N HIS D 204 -45.67 25.21 38.56
CA HIS D 204 -45.48 23.77 38.64
C HIS D 204 -45.85 23.11 37.30
N PRO D 205 -44.90 23.16 36.35
CA PRO D 205 -45.04 22.59 35.00
C PRO D 205 -45.83 21.29 35.02
N ALA D 206 -45.30 20.29 35.73
CA ALA D 206 -45.95 18.98 35.80
C ALA D 206 -47.45 19.06 35.89
N SER D 207 -47.98 20.03 36.61
CA SER D 207 -49.41 20.10 36.76
C SER D 207 -50.04 21.33 36.13
N SER D 208 -49.33 21.98 35.24
CA SER D 208 -49.88 23.18 34.61
C SER D 208 -50.32 24.24 35.59
N THR D 209 -49.81 24.18 36.81
CA THR D 209 -50.18 25.18 37.80
C THR D 209 -49.27 26.40 37.69
N LYS D 210 -49.85 27.59 37.91
CA LYS D 210 -49.10 28.83 37.91
C LYS D 210 -49.90 29.71 38.83
N VAL D 211 -49.32 30.09 39.97
CA VAL D 211 -50.04 30.89 40.96
C VAL D 211 -49.27 32.13 41.35
N ASP D 212 -50.00 33.20 41.73
CA ASP D 212 -49.38 34.46 42.18
C ASP D 212 -50.06 34.99 43.45
N LYS D 213 -49.38 34.88 44.58
CA LYS D 213 -49.91 35.34 45.86
C LYS D 213 -49.31 36.64 46.39
N LYS D 214 -50.15 37.66 46.57
CA LYS D 214 -49.63 38.91 47.11
C LYS D 214 -49.46 38.71 48.60
N ILE D 215 -48.43 39.30 49.18
CA ILE D 215 -48.24 39.19 50.62
C ILE D 215 -48.93 40.40 51.26
N VAL D 216 -50.00 40.13 51.99
CA VAL D 216 -50.75 41.20 52.62
C VAL D 216 -50.54 41.08 54.10
N PRO D 217 -50.43 42.21 54.81
CA PRO D 217 -50.24 42.16 56.25
C PRO D 217 -51.45 41.50 56.87
N ARG D 218 -51.25 40.70 57.88
CA ARG D 218 -52.40 40.09 58.50
C ARG D 218 -52.83 41.12 59.54
N ASN D 219 -51.90 42.06 59.83
CA ASN D 219 -52.10 43.12 60.83
C ASN D 219 -52.92 42.44 61.89
N CYS D 220 -52.67 41.14 61.96
CA CYS D 220 -53.34 40.19 62.83
C CYS D 220 -54.67 40.70 63.35
#